data_7MJ3
#
_entry.id   7MJ3
#
_cell.length_a   1.000
_cell.length_b   1.000
_cell.length_c   1.000
_cell.angle_alpha   90.00
_cell.angle_beta   90.00
_cell.angle_gamma   90.00
#
_symmetry.space_group_name_H-M   'P 1'
#
_entity_poly.entity_id   1
_entity_poly.type   'polypeptide(L)'
_entity_poly.pdbx_seq_one_letter_code
;(PCA)PRSHVDCPALHGQCQSLPCTYPLVFVGPDPFHCGPYPQFGCCA
;
_entity_poly.pdbx_strand_id   A
#
# COMPACT_ATOMS: atom_id res chain seq x y z
N PRO A 2 -1.53 13.86 3.75
CA PRO A 2 -1.00 12.68 3.07
C PRO A 2 -1.97 11.51 3.10
N ARG A 3 -2.60 11.30 4.25
CA ARG A 3 -3.56 10.21 4.42
C ARG A 3 -4.75 10.39 3.47
N SER A 4 -5.16 11.63 3.28
CA SER A 4 -6.29 11.94 2.40
C SER A 4 -6.03 11.43 0.99
N HIS A 5 -4.79 11.59 0.54
CA HIS A 5 -4.40 11.15 -0.79
C HIS A 5 -4.20 9.64 -0.84
N VAL A 6 -3.82 9.06 0.30
CA VAL A 6 -3.59 7.63 0.39
C VAL A 6 -4.22 7.05 1.66
N ASP A 7 -5.31 6.31 1.48
CA ASP A 7 -6.00 5.71 2.61
C ASP A 7 -5.46 4.31 2.90
N CYS A 8 -4.13 4.21 2.98
CA CYS A 8 -3.47 2.93 3.25
C CYS A 8 -3.98 2.33 4.56
N PRO A 9 -3.78 3.06 5.66
CA PRO A 9 -4.21 2.62 6.99
C PRO A 9 -5.72 2.62 7.15
N ALA A 10 -6.37 3.63 6.59
CA ALA A 10 -7.83 3.75 6.67
C ALA A 10 -8.50 2.56 5.99
N LEU A 11 -7.91 2.09 4.90
CA LEU A 11 -8.45 0.96 4.16
C LEU A 11 -7.93 -0.36 4.71
N HIS A 12 -6.70 -0.33 5.23
CA HIS A 12 -6.07 -1.52 5.79
C HIS A 12 -5.83 -2.57 4.71
N GLY A 13 -4.96 -2.24 3.77
CA GLY A 13 -4.65 -3.16 2.69
C GLY A 13 -3.47 -4.07 3.02
N GLN A 14 -2.63 -4.34 2.03
CA GLN A 14 -1.47 -5.19 2.21
C GLN A 14 -0.31 -4.74 1.33
N CYS A 15 0.90 -4.77 1.88
CA CYS A 15 2.09 -4.36 1.15
C CYS A 15 2.72 -5.55 0.44
N GLN A 16 2.74 -5.50 -0.89
CA GLN A 16 3.33 -6.58 -1.68
C GLN A 16 4.27 -6.03 -2.74
N SER A 17 5.09 -6.91 -3.31
CA SER A 17 6.05 -6.50 -4.34
C SER A 17 5.32 -6.15 -5.64
N LEU A 18 5.32 -4.87 -5.98
CA LEU A 18 4.67 -4.39 -7.20
C LEU A 18 5.14 -5.20 -8.41
N PRO A 19 4.35 -5.15 -9.49
CA PRO A 19 3.10 -4.38 -9.53
C PRO A 19 2.02 -4.99 -8.64
N CYS A 20 1.00 -4.19 -8.32
CA CYS A 20 -0.10 -4.65 -7.48
C CYS A 20 -1.05 -5.55 -8.26
N THR A 21 -0.93 -6.86 -8.03
CA THR A 21 -1.77 -7.83 -8.71
C THR A 21 -3.24 -7.66 -8.33
N TYR A 22 -4.10 -7.52 -9.33
CA TYR A 22 -5.53 -7.34 -9.09
C TYR A 22 -6.06 -8.42 -8.16
N PRO A 23 -7.23 -8.16 -7.56
CA PRO A 23 -7.96 -6.90 -7.77
C PRO A 23 -7.26 -5.70 -7.15
N LEU A 24 -6.43 -5.96 -6.14
CA LEU A 24 -5.70 -4.90 -5.46
C LEU A 24 -4.98 -4.00 -6.47
N VAL A 25 -4.69 -2.78 -6.05
CA VAL A 25 -4.00 -1.83 -6.91
C VAL A 25 -3.14 -0.86 -6.10
N PHE A 26 -2.08 -0.36 -6.72
CA PHE A 26 -1.18 0.57 -6.05
C PHE A 26 -1.92 1.85 -5.63
N VAL A 27 -1.60 2.35 -4.45
CA VAL A 27 -2.22 3.56 -3.93
C VAL A 27 -1.20 4.67 -3.73
N GLY A 28 0.00 4.29 -3.33
CA GLY A 28 1.06 5.27 -3.10
C GLY A 28 2.21 4.70 -2.30
N PRO A 29 3.37 5.38 -2.37
CA PRO A 29 4.57 4.96 -1.65
C PRO A 29 4.44 5.14 -0.14
N ASP A 30 3.83 4.16 0.51
CA ASP A 30 3.64 4.20 1.95
C ASP A 30 4.58 3.22 2.65
N PRO A 31 5.73 3.74 3.10
CA PRO A 31 6.75 2.93 3.80
C PRO A 31 6.28 2.49 5.18
N PHE A 32 5.79 3.44 5.96
CA PHE A 32 5.30 3.15 7.31
C PHE A 32 4.16 2.15 7.28
N HIS A 33 3.30 2.27 6.28
CA HIS A 33 2.16 1.38 6.13
C HIS A 33 2.52 0.18 5.26
N CYS A 34 3.31 -0.73 5.80
CA CYS A 34 3.74 -1.91 5.07
C CYS A 34 3.82 -3.13 6.00
N GLY A 35 3.87 -4.32 5.41
CA GLY A 35 3.96 -5.53 6.20
C GLY A 35 5.38 -5.93 6.51
N PRO A 36 6.05 -6.54 5.54
CA PRO A 36 7.45 -6.98 5.69
C PRO A 36 8.42 -5.81 5.76
N TYR A 37 8.32 -4.90 4.80
CA TYR A 37 9.19 -3.73 4.76
C TYR A 37 8.52 -2.58 4.00
N PRO A 38 9.03 -1.36 4.21
CA PRO A 38 8.51 -0.16 3.56
C PRO A 38 8.81 -0.13 2.07
N GLN A 39 9.92 -0.74 1.67
CA GLN A 39 10.32 -0.79 0.27
C GLN A 39 9.17 -1.30 -0.60
N PHE A 40 8.38 -2.22 -0.05
CA PHE A 40 7.26 -2.79 -0.78
C PHE A 40 6.23 -1.72 -1.12
N GLY A 41 5.22 -2.09 -1.91
CA GLY A 41 4.19 -1.15 -2.29
C GLY A 41 2.89 -1.39 -1.56
N CYS A 42 2.32 -0.33 -0.99
CA CYS A 42 1.07 -0.45 -0.26
C CYS A 42 -0.09 -0.75 -1.20
N CYS A 43 -0.30 -2.04 -1.47
CA CYS A 43 -1.37 -2.47 -2.36
C CYS A 43 -2.71 -2.49 -1.62
N ALA A 44 -3.74 -1.92 -2.24
CA ALA A 44 -5.06 -1.86 -1.65
C ALA A 44 -6.11 -2.45 -2.60
N PRO A 2 -2.20 13.63 3.17
CA PRO A 2 -1.61 12.36 2.73
C PRO A 2 -2.60 11.21 2.80
N ARG A 3 -3.36 11.16 3.89
CA ARG A 3 -4.36 10.11 4.09
C ARG A 3 -5.46 10.19 3.04
N SER A 4 -5.82 11.43 2.67
CA SER A 4 -6.86 11.64 1.69
C SER A 4 -6.43 11.14 0.31
N HIS A 5 -5.14 11.30 0.01
CA HIS A 5 -4.59 10.87 -1.27
C HIS A 5 -4.33 9.37 -1.26
N VAL A 6 -4.06 8.82 -0.08
CA VAL A 6 -3.80 7.39 0.06
C VAL A 6 -4.45 6.84 1.33
N ASP A 7 -5.48 6.03 1.14
CA ASP A 7 -6.19 5.42 2.27
C ASP A 7 -5.57 4.09 2.65
N CYS A 8 -4.26 4.06 2.77
CA CYS A 8 -3.54 2.84 3.13
C CYS A 8 -3.98 2.33 4.50
N PRO A 9 -3.78 3.16 5.53
CA PRO A 9 -4.15 2.82 6.90
C PRO A 9 -5.66 2.77 7.10
N ALA A 10 -6.38 3.64 6.39
CA ALA A 10 -7.83 3.70 6.49
C ALA A 10 -8.47 2.45 5.91
N LEU A 11 -7.99 2.05 4.73
CA LEU A 11 -8.52 0.87 4.05
C LEU A 11 -7.94 -0.41 4.66
N HIS A 12 -6.70 -0.32 5.13
CA HIS A 12 -6.02 -1.47 5.73
C HIS A 12 -5.83 -2.59 4.71
N GLY A 13 -4.79 -2.45 3.88
CA GLY A 13 -4.51 -3.45 2.88
C GLY A 13 -3.30 -4.29 3.21
N GLN A 14 -2.42 -4.51 2.24
CA GLN A 14 -1.21 -5.30 2.44
C GLN A 14 -0.09 -4.82 1.53
N CYS A 15 1.14 -4.88 2.04
CA CYS A 15 2.30 -4.46 1.28
C CYS A 15 2.92 -5.63 0.52
N GLN A 16 2.90 -5.55 -0.81
CA GLN A 16 3.45 -6.61 -1.64
C GLN A 16 4.37 -6.02 -2.72
N SER A 17 5.15 -6.89 -3.36
CA SER A 17 6.07 -6.46 -4.40
C SER A 17 5.31 -6.04 -5.66
N LEU A 18 5.31 -4.75 -5.93
CA LEU A 18 4.61 -4.22 -7.10
C LEU A 18 5.03 -4.98 -8.36
N PRO A 19 4.20 -4.86 -9.42
CA PRO A 19 2.96 -4.07 -9.38
C PRO A 19 1.90 -4.71 -8.49
N CYS A 20 0.84 -3.95 -8.20
CA CYS A 20 -0.25 -4.44 -7.37
C CYS A 20 -1.22 -5.28 -8.18
N THR A 21 -1.19 -6.59 -7.97
CA THR A 21 -2.07 -7.50 -8.69
C THR A 21 -3.53 -7.27 -8.29
N TYR A 22 -4.38 -7.05 -9.28
CA TYR A 22 -5.80 -6.82 -9.04
C TYR A 22 -6.38 -7.90 -8.15
N PRO A 23 -7.54 -7.60 -7.54
CA PRO A 23 -8.21 -6.32 -7.70
C PRO A 23 -7.45 -5.17 -7.03
N LEU A 24 -6.67 -5.51 -6.01
CA LEU A 24 -5.88 -4.51 -5.29
C LEU A 24 -5.09 -3.64 -6.26
N VAL A 25 -4.93 -2.37 -5.91
CA VAL A 25 -4.18 -1.44 -6.75
C VAL A 25 -3.26 -0.55 -5.91
N PHE A 26 -2.16 -0.12 -6.51
CA PHE A 26 -1.21 0.73 -5.81
C PHE A 26 -1.79 2.12 -5.55
N VAL A 27 -1.58 2.63 -4.34
CA VAL A 27 -2.08 3.95 -3.97
C VAL A 27 -0.95 4.93 -3.75
N GLY A 28 0.13 4.45 -3.13
CA GLY A 28 1.29 5.31 -2.89
C GLY A 28 2.36 4.62 -2.08
N PRO A 29 3.59 5.15 -2.15
CA PRO A 29 4.73 4.59 -1.43
C PRO A 29 4.62 4.79 0.08
N ASP A 30 4.05 3.79 0.76
CA ASP A 30 3.88 3.86 2.21
C ASP A 30 4.86 2.92 2.91
N PRO A 31 6.01 3.48 3.33
CA PRO A 31 7.05 2.71 4.02
C PRO A 31 6.62 2.28 5.42
N PHE A 32 6.11 3.24 6.19
CA PHE A 32 5.66 2.97 7.55
C PHE A 32 4.52 1.95 7.56
N HIS A 33 3.66 2.04 6.55
CA HIS A 33 2.52 1.12 6.43
C HIS A 33 2.85 -0.05 5.51
N CYS A 34 3.67 -0.97 6.00
CA CYS A 34 4.06 -2.13 5.22
C CYS A 34 4.17 -3.37 6.11
N GLY A 35 4.21 -4.54 5.49
CA GLY A 35 4.30 -5.78 6.23
C GLY A 35 5.75 -6.18 6.50
N PRO A 36 6.40 -6.77 5.49
CA PRO A 36 7.79 -7.22 5.58
C PRO A 36 8.77 -6.06 5.67
N TYR A 37 8.63 -5.11 4.75
CA TYR A 37 9.51 -3.94 4.71
C TYR A 37 8.83 -2.77 4.00
N PRO A 38 9.34 -1.56 4.23
CA PRO A 38 8.81 -0.33 3.64
C PRO A 38 9.07 -0.26 2.13
N GLN A 39 10.17 -0.87 1.69
CA GLN A 39 10.52 -0.88 0.29
C GLN A 39 9.36 -1.35 -0.57
N PHE A 40 8.57 -2.29 -0.04
CA PHE A 40 7.42 -2.83 -0.75
C PHE A 40 6.39 -1.73 -1.02
N GLY A 41 5.34 -2.09 -1.76
CA GLY A 41 4.30 -1.13 -2.08
C GLY A 41 3.00 -1.43 -1.36
N CYS A 42 2.40 -0.41 -0.76
CA CYS A 42 1.15 -0.56 -0.03
C CYS A 42 -0.03 -0.60 -1.00
N CYS A 43 -0.56 -1.78 -1.25
CA CYS A 43 -1.70 -1.94 -2.15
C CYS A 43 -3.02 -1.81 -1.39
N ALA A 44 -4.04 -1.35 -2.10
CA ALA A 44 -5.36 -1.17 -1.49
C ALA A 44 -6.46 -1.39 -2.52
N PRO A 2 -2.28 13.69 2.71
CA PRO A 2 -1.69 12.43 2.24
C PRO A 2 -2.66 11.26 2.39
N ARG A 3 -3.47 11.29 3.44
CA ARG A 3 -4.43 10.23 3.69
C ARG A 3 -5.58 10.30 2.70
N SER A 4 -6.02 11.51 2.39
CA SER A 4 -7.12 11.72 1.45
C SER A 4 -6.83 11.07 0.11
N HIS A 5 -5.63 11.32 -0.41
CA HIS A 5 -5.21 10.76 -1.69
C HIS A 5 -4.76 9.31 -1.53
N VAL A 6 -4.26 8.98 -0.34
CA VAL A 6 -3.79 7.63 -0.07
C VAL A 6 -4.43 7.08 1.21
N ASP A 7 -5.52 6.35 1.04
CA ASP A 7 -6.22 5.76 2.18
C ASP A 7 -5.68 4.37 2.50
N CYS A 8 -4.37 4.28 2.69
CA CYS A 8 -3.74 3.00 3.00
C CYS A 8 -4.15 2.51 4.38
N PRO A 9 -3.86 3.31 5.41
CA PRO A 9 -4.19 2.98 6.80
C PRO A 9 -5.69 3.02 7.07
N ALA A 10 -6.38 3.93 6.37
CA ALA A 10 -7.82 4.07 6.52
C ALA A 10 -8.56 2.87 5.94
N LEU A 11 -8.04 2.34 4.84
CA LEU A 11 -8.65 1.19 4.18
C LEU A 11 -8.13 -0.12 4.76
N HIS A 12 -6.89 -0.09 5.24
CA HIS A 12 -6.26 -1.28 5.83
C HIS A 12 -6.07 -2.37 4.79
N GLY A 13 -5.00 -2.25 4.01
CA GLY A 13 -4.72 -3.23 2.97
C GLY A 13 -3.51 -4.08 3.30
N GLN A 14 -2.62 -4.24 2.32
CA GLN A 14 -1.41 -5.04 2.52
C GLN A 14 -0.27 -4.51 1.65
N CYS A 15 0.96 -4.79 2.07
CA CYS A 15 2.13 -4.35 1.33
C CYS A 15 2.71 -5.48 0.49
N GLN A 16 2.93 -5.22 -0.79
CA GLN A 16 3.48 -6.21 -1.70
C GLN A 16 4.37 -5.56 -2.75
N SER A 17 5.20 -6.37 -3.41
CA SER A 17 6.11 -5.88 -4.42
C SER A 17 5.35 -5.54 -5.71
N LEU A 18 5.29 -4.26 -6.04
CA LEU A 18 4.59 -3.81 -7.24
C LEU A 18 5.07 -4.58 -8.46
N PRO A 19 4.26 -4.55 -9.53
CA PRO A 19 2.98 -3.84 -9.55
C PRO A 19 1.95 -4.50 -8.65
N CYS A 20 0.91 -3.75 -8.29
CA CYS A 20 -0.15 -4.26 -7.43
C CYS A 20 -1.16 -5.07 -8.24
N THR A 21 -1.30 -6.35 -7.89
CA THR A 21 -2.23 -7.23 -8.58
C THR A 21 -3.64 -7.08 -8.04
N TYR A 22 -4.61 -6.97 -8.95
CA TYR A 22 -6.00 -6.82 -8.56
C TYR A 22 -6.41 -7.89 -7.55
N PRO A 23 -7.49 -7.62 -6.79
CA PRO A 23 -8.24 -6.36 -6.92
C PRO A 23 -7.44 -5.16 -6.41
N LEU A 24 -6.52 -5.41 -5.49
CA LEU A 24 -5.70 -4.35 -4.92
C LEU A 24 -5.07 -3.50 -6.02
N VAL A 25 -5.25 -2.19 -5.94
CA VAL A 25 -4.70 -1.28 -6.92
C VAL A 25 -3.52 -0.49 -6.35
N PHE A 26 -2.62 -0.06 -7.22
CA PHE A 26 -1.45 0.70 -6.79
C PHE A 26 -1.86 1.95 -6.04
N VAL A 27 -1.16 2.25 -4.95
CA VAL A 27 -1.45 3.43 -4.14
C VAL A 27 -0.18 4.22 -3.84
N GLY A 28 0.89 3.51 -3.51
CA GLY A 28 2.14 4.15 -3.19
C GLY A 28 2.87 3.49 -2.04
N PRO A 29 4.18 3.78 -1.90
CA PRO A 29 5.01 3.20 -0.84
C PRO A 29 4.65 3.75 0.53
N ASP A 30 4.15 2.87 1.41
CA ASP A 30 3.77 3.27 2.75
C ASP A 30 4.79 2.76 3.77
N PRO A 31 5.75 3.63 4.13
CA PRO A 31 6.79 3.30 5.10
C PRO A 31 6.26 3.18 6.52
N PHE A 32 5.00 3.56 6.69
CA PHE A 32 4.36 3.48 8.01
C PHE A 32 4.55 2.11 8.64
N HIS A 33 3.89 1.11 8.06
CA HIS A 33 3.98 -0.26 8.56
C HIS A 33 3.64 -1.26 7.45
N CYS A 34 4.66 -1.72 6.75
CA CYS A 34 4.48 -2.68 5.67
C CYS A 34 4.67 -4.11 6.17
N GLY A 35 4.52 -5.07 5.27
CA GLY A 35 4.68 -6.47 5.65
C GLY A 35 6.13 -6.93 5.59
N PRO A 36 6.61 -7.23 4.38
CA PRO A 36 7.99 -7.68 4.16
C PRO A 36 9.01 -6.58 4.41
N TYR A 37 8.76 -5.41 3.82
CA TYR A 37 9.67 -4.28 3.97
C TYR A 37 8.95 -2.97 3.62
N PRO A 38 9.52 -1.84 4.10
CA PRO A 38 8.96 -0.51 3.84
C PRO A 38 9.09 -0.09 2.38
N GLN A 39 10.15 -0.56 1.73
CA GLN A 39 10.40 -0.22 0.33
C GLN A 39 9.23 -0.69 -0.54
N PHE A 40 8.65 -1.83 -0.20
CA PHE A 40 7.53 -2.38 -0.95
C PHE A 40 6.42 -1.34 -1.11
N GLY A 41 5.42 -1.67 -1.93
CA GLY A 41 4.32 -0.76 -2.15
C GLY A 41 3.08 -1.14 -1.38
N CYS A 42 2.29 -0.14 -0.97
CA CYS A 42 1.07 -0.39 -0.21
C CYS A 42 -0.12 -0.58 -1.14
N CYS A 43 -0.44 -1.83 -1.44
CA CYS A 43 -1.57 -2.13 -2.32
C CYS A 43 -2.89 -2.04 -1.57
N ALA A 44 -3.90 -1.49 -2.23
CA ALA A 44 -5.22 -1.35 -1.63
C ALA A 44 -6.29 -2.02 -2.47
N PRO A 2 -2.27 13.79 3.83
CA PRO A 2 -1.65 12.65 3.16
C PRO A 2 -2.60 11.45 3.03
N ARG A 3 -3.44 11.28 4.05
CA ARG A 3 -4.40 10.17 4.05
C ARG A 3 -5.34 10.27 2.85
N SER A 4 -5.77 11.48 2.54
CA SER A 4 -6.67 11.71 1.41
C SER A 4 -6.07 11.19 0.11
N HIS A 5 -4.76 11.41 -0.06
CA HIS A 5 -4.06 10.97 -1.25
C HIS A 5 -3.74 9.47 -1.17
N VAL A 6 -3.57 8.97 0.06
CA VAL A 6 -3.26 7.57 0.27
C VAL A 6 -4.13 6.98 1.36
N ASP A 7 -5.05 6.09 0.98
CA ASP A 7 -5.94 5.45 1.93
C ASP A 7 -5.37 4.12 2.40
N CYS A 8 -4.07 4.10 2.66
CA CYS A 8 -3.40 2.89 3.12
C CYS A 8 -4.08 2.32 4.36
N PRO A 9 -4.13 3.13 5.43
CA PRO A 9 -4.76 2.73 6.69
C PRO A 9 -6.28 2.61 6.57
N ALA A 10 -6.89 3.58 5.90
CA ALA A 10 -8.34 3.58 5.72
C ALA A 10 -8.80 2.33 4.99
N LEU A 11 -7.99 1.86 4.05
CA LEU A 11 -8.32 0.68 3.27
C LEU A 11 -7.90 -0.60 4.01
N HIS A 12 -6.75 -0.52 4.69
CA HIS A 12 -6.24 -1.66 5.44
C HIS A 12 -5.85 -2.80 4.51
N GLY A 13 -5.02 -2.49 3.52
CA GLY A 13 -4.58 -3.50 2.57
C GLY A 13 -3.34 -4.24 3.04
N GLN A 14 -2.45 -4.55 2.10
CA GLN A 14 -1.22 -5.25 2.42
C GLN A 14 -0.08 -4.82 1.50
N CYS A 15 1.13 -4.78 2.04
CA CYS A 15 2.30 -4.38 1.26
C CYS A 15 2.87 -5.56 0.50
N GLN A 16 2.83 -5.48 -0.83
CA GLN A 16 3.35 -6.55 -1.68
C GLN A 16 4.26 -5.99 -2.77
N SER A 17 5.02 -6.86 -3.41
CA SER A 17 5.94 -6.46 -4.47
C SER A 17 5.16 -6.04 -5.72
N LEU A 18 5.15 -4.73 -5.99
CA LEU A 18 4.45 -4.20 -7.14
C LEU A 18 4.86 -4.93 -8.42
N PRO A 19 4.03 -4.82 -9.46
CA PRO A 19 2.79 -4.05 -9.40
C PRO A 19 1.74 -4.70 -8.50
N CYS A 20 0.79 -3.90 -8.02
CA CYS A 20 -0.27 -4.40 -7.16
C CYS A 20 -1.25 -5.26 -7.95
N THR A 21 -1.28 -6.55 -7.64
CA THR A 21 -2.18 -7.49 -8.31
C THR A 21 -3.62 -7.26 -7.89
N TYR A 22 -4.51 -7.13 -8.87
CA TYR A 22 -5.92 -6.90 -8.60
C TYR A 22 -6.47 -7.95 -7.64
N PRO A 23 -7.58 -7.62 -6.97
CA PRO A 23 -8.26 -6.33 -7.15
C PRO A 23 -7.45 -5.16 -6.58
N LEU A 24 -6.63 -5.46 -5.57
CA LEU A 24 -5.81 -4.44 -4.94
C LEU A 24 -5.05 -3.63 -5.97
N VAL A 25 -4.79 -2.36 -5.66
CA VAL A 25 -4.06 -1.49 -6.57
C VAL A 25 -3.12 -0.56 -5.80
N PHE A 26 -2.01 -0.20 -6.43
CA PHE A 26 -1.03 0.67 -5.81
C PHE A 26 -1.64 2.03 -5.48
N VAL A 27 -1.54 2.42 -4.21
CA VAL A 27 -2.09 3.70 -3.76
C VAL A 27 -0.99 4.74 -3.57
N GLY A 28 0.19 4.27 -3.13
CA GLY A 28 1.30 5.17 -2.91
C GLY A 28 2.41 4.52 -2.11
N PRO A 29 3.63 5.09 -2.22
CA PRO A 29 4.81 4.57 -1.51
C PRO A 29 4.71 4.81 -0.01
N ASP A 30 4.09 3.87 0.70
CA ASP A 30 3.94 3.97 2.14
C ASP A 30 4.86 2.99 2.85
N PRO A 31 6.05 3.47 3.25
CA PRO A 31 7.05 2.65 3.94
C PRO A 31 6.62 2.29 5.36
N PHE A 32 6.18 3.30 6.11
CA PHE A 32 5.74 3.09 7.49
C PHE A 32 4.60 2.07 7.54
N HIS A 33 3.77 2.07 6.51
CA HIS A 33 2.64 1.15 6.44
C HIS A 33 2.94 -0.02 5.51
N CYS A 34 3.78 -0.94 5.98
CA CYS A 34 4.15 -2.10 5.20
C CYS A 34 4.26 -3.34 6.07
N GLY A 35 4.26 -4.52 5.45
CA GLY A 35 4.36 -5.76 6.19
C GLY A 35 5.79 -6.19 6.42
N PRO A 36 6.41 -6.79 5.39
CA PRO A 36 7.79 -7.26 5.47
C PRO A 36 8.79 -6.11 5.53
N TYR A 37 8.67 -5.17 4.61
CA TYR A 37 9.56 -4.01 4.55
C TYR A 37 8.88 -2.83 3.87
N PRO A 38 9.43 -1.62 4.10
CA PRO A 38 8.90 -0.39 3.52
C PRO A 38 9.13 -0.32 2.02
N GLN A 39 10.21 -0.94 1.55
CA GLN A 39 10.55 -0.94 0.13
C GLN A 39 9.35 -1.39 -0.70
N PHE A 40 8.57 -2.31 -0.15
CA PHE A 40 7.40 -2.84 -0.85
C PHE A 40 6.39 -1.73 -1.10
N GLY A 41 5.31 -2.09 -1.80
CA GLY A 41 4.27 -1.11 -2.11
C GLY A 41 2.99 -1.38 -1.35
N CYS A 42 2.49 -0.35 -0.67
CA CYS A 42 1.25 -0.48 0.11
C CYS A 42 0.03 -0.58 -0.82
N CYS A 43 -0.42 -1.81 -1.06
CA CYS A 43 -1.56 -2.04 -1.92
C CYS A 43 -2.87 -1.78 -1.18
N ALA A 44 -3.91 -1.44 -1.93
CA ALA A 44 -5.21 -1.16 -1.34
C ALA A 44 -6.34 -1.43 -2.33
N PRO A 2 0.04 12.69 2.43
CA PRO A 2 -0.29 11.75 1.35
C PRO A 2 -1.50 10.88 1.69
N ARG A 3 -1.61 10.52 2.97
CA ARG A 3 -2.72 9.69 3.43
C ARG A 3 -4.06 10.27 2.97
N SER A 4 -4.14 11.59 2.93
CA SER A 4 -5.37 12.26 2.52
C SER A 4 -5.81 11.80 1.13
N HIS A 5 -4.84 11.45 0.30
CA HIS A 5 -5.12 10.98 -1.06
C HIS A 5 -5.26 9.47 -1.09
N VAL A 6 -4.59 8.80 -0.16
CA VAL A 6 -4.64 7.33 -0.09
C VAL A 6 -4.89 6.87 1.34
N ASP A 7 -6.00 6.17 1.56
CA ASP A 7 -6.34 5.66 2.88
C ASP A 7 -5.76 4.28 3.09
N CYS A 8 -4.47 4.13 2.81
CA CYS A 8 -3.79 2.85 2.99
C CYS A 8 -3.85 2.39 4.44
N PRO A 9 -3.29 3.21 5.34
CA PRO A 9 -3.26 2.90 6.78
C PRO A 9 -4.65 2.99 7.41
N ALA A 10 -5.48 3.88 6.89
CA ALA A 10 -6.84 4.06 7.40
C ALA A 10 -7.72 2.88 7.03
N LEU A 11 -7.49 2.33 5.84
CA LEU A 11 -8.28 1.19 5.37
C LEU A 11 -7.66 -0.13 5.82
N HIS A 12 -6.34 -0.13 5.98
CA HIS A 12 -5.62 -1.31 6.42
C HIS A 12 -5.68 -2.41 5.36
N GLY A 13 -4.85 -2.28 4.34
CA GLY A 13 -4.82 -3.26 3.26
C GLY A 13 -3.67 -4.24 3.40
N GLN A 14 -2.81 -4.28 2.39
CA GLN A 14 -1.66 -5.17 2.39
C GLN A 14 -0.50 -4.57 1.61
N CYS A 15 0.72 -4.87 2.05
CA CYS A 15 1.91 -4.36 1.39
C CYS A 15 2.63 -5.47 0.61
N GLN A 16 2.90 -5.21 -0.67
CA GLN A 16 3.57 -6.18 -1.52
C GLN A 16 4.48 -5.49 -2.53
N SER A 17 5.29 -6.27 -3.23
CA SER A 17 6.22 -5.73 -4.21
C SER A 17 5.50 -5.45 -5.54
N LEU A 18 5.36 -4.17 -5.87
CA LEU A 18 4.69 -3.78 -7.10
C LEU A 18 5.29 -4.50 -8.30
N PRO A 19 4.52 -4.53 -9.41
CA PRO A 19 3.21 -3.90 -9.48
C PRO A 19 2.17 -4.64 -8.64
N CYS A 20 1.00 -4.03 -8.49
CA CYS A 20 -0.08 -4.62 -7.70
C CYS A 20 -0.90 -5.59 -8.55
N THR A 21 -0.93 -6.85 -8.13
CA THR A 21 -1.68 -7.87 -8.85
C THR A 21 -3.18 -7.78 -8.56
N TYR A 22 -3.98 -7.77 -9.61
CA TYR A 22 -5.43 -7.68 -9.46
C TYR A 22 -5.94 -8.73 -8.49
N PRO A 23 -7.14 -8.50 -7.93
CA PRO A 23 -7.92 -7.29 -8.22
C PRO A 23 -7.28 -6.03 -7.64
N LEU A 24 -6.53 -6.20 -6.55
CA LEU A 24 -5.87 -5.08 -5.91
C LEU A 24 -5.07 -4.25 -6.91
N VAL A 25 -5.12 -2.93 -6.76
CA VAL A 25 -4.42 -2.03 -7.65
C VAL A 25 -3.33 -1.26 -6.92
N PHE A 26 -2.61 -0.41 -7.64
CA PHE A 26 -1.54 0.38 -7.05
C PHE A 26 -2.01 1.80 -6.75
N VAL A 27 -1.76 2.25 -5.53
CA VAL A 27 -2.16 3.60 -5.12
C VAL A 27 -0.96 4.41 -4.63
N GLY A 28 -0.03 3.72 -3.97
CA GLY A 28 1.16 4.39 -3.46
C GLY A 28 1.75 3.68 -2.27
N PRO A 29 3.03 3.96 -1.98
CA PRO A 29 3.74 3.35 -0.85
C PRO A 29 3.24 3.84 0.50
N ASP A 30 2.93 2.90 1.38
CA ASP A 30 2.43 3.24 2.72
C ASP A 30 3.51 3.01 3.77
N PRO A 31 4.24 4.08 4.10
CA PRO A 31 5.31 4.02 5.11
C PRO A 31 4.77 3.83 6.52
N PHE A 32 3.47 3.99 6.68
CA PHE A 32 2.83 3.83 7.98
C PHE A 32 3.25 2.52 8.64
N HIS A 33 2.78 1.40 8.07
CA HIS A 33 3.10 0.09 8.60
C HIS A 33 2.97 -0.99 7.52
N CYS A 34 4.07 -1.27 6.83
CA CYS A 34 4.07 -2.27 5.77
C CYS A 34 4.36 -3.65 6.33
N GLY A 35 4.38 -4.65 5.45
CA GLY A 35 4.65 -6.01 5.88
C GLY A 35 6.12 -6.34 5.90
N PRO A 36 6.68 -6.65 4.73
CA PRO A 36 8.10 -6.99 4.59
C PRO A 36 9.01 -5.78 4.80
N TYR A 37 8.68 -4.68 4.14
CA TYR A 37 9.47 -3.45 4.26
C TYR A 37 8.65 -2.23 3.84
N PRO A 38 9.10 -1.04 4.27
CA PRO A 38 8.42 0.22 3.95
C PRO A 38 8.56 0.58 2.47
N GLN A 39 9.68 0.19 1.87
CA GLN A 39 9.92 0.48 0.46
C GLN A 39 8.83 -0.12 -0.42
N PHE A 40 8.35 -1.30 -0.02
CA PHE A 40 7.31 -1.99 -0.78
C PHE A 40 6.13 -1.06 -1.05
N GLY A 41 5.27 -1.45 -1.99
CA GLY A 41 4.11 -0.65 -2.33
C GLY A 41 2.85 -1.14 -1.65
N CYS A 42 2.04 -0.20 -1.16
CA CYS A 42 0.79 -0.55 -0.49
C CYS A 42 -0.36 -0.65 -1.48
N CYS A 43 -0.86 -1.87 -1.69
CA CYS A 43 -1.95 -2.10 -2.61
C CYS A 43 -3.30 -1.81 -1.96
N ALA A 44 -4.30 -1.50 -2.76
CA ALA A 44 -5.63 -1.20 -2.27
C ALA A 44 -6.65 -1.11 -3.40
N PRO A 2 -0.13 12.36 2.46
CA PRO A 2 -1.56 12.73 2.49
C PRO A 2 -2.46 11.52 2.76
N ARG A 3 -2.98 11.44 3.99
CA ARG A 3 -3.86 10.34 4.37
C ARG A 3 -5.13 10.34 3.51
N SER A 4 -5.66 11.53 3.25
CA SER A 4 -6.87 11.65 2.44
C SER A 4 -6.66 11.11 1.04
N HIS A 5 -5.45 11.31 0.51
CA HIS A 5 -5.12 10.85 -0.83
C HIS A 5 -4.85 9.34 -0.82
N VAL A 6 -4.39 8.83 0.31
CA VAL A 6 -4.09 7.41 0.45
C VAL A 6 -4.80 6.81 1.66
N ASP A 7 -5.88 6.08 1.41
CA ASP A 7 -6.65 5.46 2.48
C ASP A 7 -6.11 4.06 2.78
N CYS A 8 -4.80 3.95 2.94
CA CYS A 8 -4.17 2.67 3.22
C CYS A 8 -4.76 2.05 4.49
N PRO A 9 -4.64 2.75 5.61
CA PRO A 9 -5.16 2.29 6.90
C PRO A 9 -6.68 2.28 6.95
N ALA A 10 -7.30 3.23 6.24
CA ALA A 10 -8.75 3.34 6.21
C ALA A 10 -9.37 2.12 5.53
N LEU A 11 -8.70 1.62 4.49
CA LEU A 11 -9.18 0.45 3.76
C LEU A 11 -8.68 -0.83 4.38
N HIS A 12 -7.45 -0.79 4.92
CA HIS A 12 -6.85 -1.95 5.55
C HIS A 12 -6.63 -3.06 4.53
N GLY A 13 -5.52 -2.98 3.81
CA GLY A 13 -5.21 -3.99 2.81
C GLY A 13 -3.98 -4.81 3.17
N GLN A 14 -3.04 -4.89 2.24
CA GLN A 14 -1.81 -5.65 2.47
C GLN A 14 -0.65 -5.05 1.71
N CYS A 15 0.57 -5.46 2.04
CA CYS A 15 1.77 -4.96 1.39
C CYS A 15 2.41 -6.04 0.52
N GLN A 16 2.68 -5.70 -0.73
CA GLN A 16 3.29 -6.64 -1.66
C GLN A 16 4.23 -5.93 -2.63
N SER A 17 5.13 -6.69 -3.25
CA SER A 17 6.10 -6.13 -4.19
C SER A 17 5.39 -5.64 -5.45
N LEU A 18 5.31 -4.32 -5.61
CA LEU A 18 4.67 -3.73 -6.78
C LEU A 18 5.23 -4.33 -8.07
N PRO A 19 4.48 -4.17 -9.17
CA PRO A 19 3.19 -3.48 -9.16
C PRO A 19 2.11 -4.26 -8.41
N CYS A 20 1.04 -3.58 -8.05
CA CYS A 20 -0.06 -4.22 -7.33
C CYS A 20 -0.97 -4.99 -8.30
N THR A 21 -0.82 -6.31 -8.31
CA THR A 21 -1.62 -7.15 -9.18
C THR A 21 -3.09 -7.14 -8.78
N TYR A 22 -3.97 -7.03 -9.76
CA TYR A 22 -5.41 -6.99 -9.51
C TYR A 22 -5.83 -8.17 -8.62
N PRO A 23 -6.98 -8.01 -7.96
CA PRO A 23 -7.80 -6.81 -8.07
C PRO A 23 -7.15 -5.60 -7.40
N LEU A 24 -6.35 -5.85 -6.37
CA LEU A 24 -5.67 -4.79 -5.64
C LEU A 24 -4.90 -3.89 -6.61
N VAL A 25 -4.67 -2.65 -6.19
CA VAL A 25 -3.94 -1.69 -7.01
C VAL A 25 -3.09 -0.76 -6.15
N PHE A 26 -2.28 0.07 -6.80
CA PHE A 26 -1.41 1.00 -6.09
C PHE A 26 -2.25 2.04 -5.33
N VAL A 27 -2.14 2.02 -4.01
CA VAL A 27 -2.88 2.95 -3.17
C VAL A 27 -2.14 4.28 -3.06
N GLY A 28 -0.83 4.21 -2.85
CA GLY A 28 -0.03 5.42 -2.73
C GLY A 28 1.39 5.13 -2.28
N PRO A 29 2.27 6.13 -2.43
CA PRO A 29 3.68 6.00 -2.04
C PRO A 29 3.86 5.94 -0.52
N ASP A 30 4.00 4.73 0.00
CA ASP A 30 4.18 4.53 1.44
C ASP A 30 5.62 4.14 1.74
N PRO A 31 6.44 5.15 2.11
CA PRO A 31 7.84 4.94 2.44
C PRO A 31 8.03 4.20 3.75
N PHE A 32 7.33 4.65 4.79
CA PHE A 32 7.41 4.03 6.11
C PHE A 32 6.03 3.61 6.60
N HIS A 33 5.25 3.00 5.72
CA HIS A 33 3.91 2.56 6.06
C HIS A 33 3.59 1.21 5.42
N CYS A 34 4.45 0.22 5.70
CA CYS A 34 4.26 -1.12 5.16
C CYS A 34 4.13 -2.15 6.28
N GLY A 35 3.98 -3.42 5.89
CA GLY A 35 3.84 -4.48 6.87
C GLY A 35 5.18 -5.03 7.30
N PRO A 36 5.76 -5.93 6.50
CA PRO A 36 7.05 -6.54 6.79
C PRO A 36 8.21 -5.56 6.68
N TYR A 37 8.25 -4.80 5.59
CA TYR A 37 9.30 -3.83 5.37
C TYR A 37 8.85 -2.75 4.37
N PRO A 38 9.53 -1.60 4.40
CA PRO A 38 9.23 -0.48 3.50
C PRO A 38 9.59 -0.77 2.06
N GLN A 39 10.23 -1.92 1.83
CA GLN A 39 10.62 -2.32 0.49
C GLN A 39 9.40 -2.57 -0.40
N PHE A 40 8.34 -3.09 0.22
CA PHE A 40 7.11 -3.37 -0.51
C PHE A 40 6.22 -2.14 -0.57
N GLY A 41 5.09 -2.26 -1.27
CA GLY A 41 4.17 -1.15 -1.40
C GLY A 41 2.81 -1.45 -0.80
N CYS A 42 2.08 -0.41 -0.40
CA CYS A 42 0.76 -0.58 0.19
C CYS A 42 -0.31 -0.64 -0.89
N CYS A 43 -0.81 -1.84 -1.16
CA CYS A 43 -1.85 -2.04 -2.17
C CYS A 43 -3.21 -2.24 -1.51
N ALA A 44 -4.27 -2.11 -2.32
CA ALA A 44 -5.62 -2.27 -1.82
C ALA A 44 -6.65 -2.13 -2.94
N PRO A 2 0.56 12.32 3.89
CA PRO A 2 0.60 11.10 3.08
C PRO A 2 -0.68 10.29 3.19
N ARG A 3 -1.30 10.33 4.37
CA ARG A 3 -2.53 9.60 4.61
C ARG A 3 -3.57 9.92 3.55
N SER A 4 -3.58 11.17 3.10
CA SER A 4 -4.53 11.61 2.08
C SER A 4 -4.23 10.96 0.74
N HIS A 5 -2.96 10.72 0.48
CA HIS A 5 -2.53 10.09 -0.78
C HIS A 5 -2.65 8.58 -0.70
N VAL A 6 -2.53 8.04 0.51
CA VAL A 6 -2.63 6.60 0.73
C VAL A 6 -3.27 6.29 2.07
N ASP A 7 -4.20 5.34 2.08
CA ASP A 7 -4.89 4.95 3.29
C ASP A 7 -4.69 3.46 3.58
N CYS A 8 -3.44 3.07 3.78
CA CYS A 8 -3.11 1.67 4.06
C CYS A 8 -3.88 1.17 5.27
N PRO A 9 -3.66 1.81 6.43
CA PRO A 9 -4.33 1.46 7.68
C PRO A 9 -5.82 1.77 7.66
N ALA A 10 -6.16 2.92 7.10
CA ALA A 10 -7.56 3.34 7.01
C ALA A 10 -8.38 2.37 6.18
N LEU A 11 -7.75 1.82 5.14
CA LEU A 11 -8.43 0.87 4.27
C LEU A 11 -8.29 -0.56 4.79
N HIS A 12 -7.18 -0.83 5.47
CA HIS A 12 -6.93 -2.15 6.03
C HIS A 12 -6.79 -3.19 4.92
N GLY A 13 -5.64 -3.18 4.25
CA GLY A 13 -5.40 -4.13 3.17
C GLY A 13 -4.13 -4.93 3.38
N GLN A 14 -3.29 -4.96 2.35
CA GLN A 14 -2.02 -5.69 2.42
C GLN A 14 -0.93 -4.97 1.64
N CYS A 15 0.30 -5.44 1.78
CA CYS A 15 1.44 -4.85 1.09
C CYS A 15 2.15 -5.88 0.21
N GLN A 16 2.43 -5.50 -1.03
CA GLN A 16 3.11 -6.39 -1.97
C GLN A 16 4.03 -5.60 -2.89
N SER A 17 5.05 -6.27 -3.40
CA SER A 17 6.02 -5.64 -4.29
C SER A 17 5.32 -5.15 -5.56
N LEU A 18 5.29 -3.83 -5.73
CA LEU A 18 4.67 -3.23 -6.90
C LEU A 18 5.34 -3.71 -8.19
N PRO A 19 4.63 -3.56 -9.32
CA PRO A 19 3.29 -2.97 -9.34
C PRO A 19 2.25 -3.88 -8.70
N CYS A 20 1.28 -3.27 -8.03
CA CYS A 20 0.22 -4.03 -7.36
C CYS A 20 -0.48 -4.96 -8.35
N THR A 21 -0.16 -6.25 -8.27
CA THR A 21 -0.75 -7.25 -9.14
C THR A 21 -2.20 -7.51 -8.79
N TYR A 22 -3.05 -7.64 -9.81
CA TYR A 22 -4.47 -7.88 -9.60
C TYR A 22 -4.69 -9.06 -8.65
N PRO A 23 -5.89 -9.12 -8.06
CA PRO A 23 -6.94 -8.14 -8.30
C PRO A 23 -6.62 -6.77 -7.70
N LEU A 24 -5.83 -6.78 -6.63
CA LEU A 24 -5.45 -5.54 -5.96
C LEU A 24 -4.88 -4.54 -6.96
N VAL A 25 -4.70 -3.30 -6.50
CA VAL A 25 -4.17 -2.25 -7.35
C VAL A 25 -3.58 -1.11 -6.53
N PHE A 26 -2.63 -0.39 -7.10
CA PHE A 26 -1.98 0.72 -6.42
C PHE A 26 -3.02 1.68 -5.84
N VAL A 27 -2.70 2.25 -4.69
CA VAL A 27 -3.61 3.19 -4.02
C VAL A 27 -2.92 4.53 -3.76
N GLY A 28 -1.64 4.46 -3.40
CA GLY A 28 -0.89 5.67 -3.12
C GLY A 28 0.53 5.37 -2.65
N PRO A 29 1.41 6.39 -2.72
CA PRO A 29 2.80 6.26 -2.29
C PRO A 29 2.93 6.12 -0.78
N ASP A 30 3.26 4.91 -0.34
CA ASP A 30 3.42 4.65 1.09
C ASP A 30 4.90 4.50 1.45
N PRO A 31 5.51 5.59 1.91
CA PRO A 31 6.93 5.60 2.29
C PRO A 31 7.19 4.80 3.57
N PHE A 32 6.39 5.06 4.59
CA PHE A 32 6.53 4.36 5.87
C PHE A 32 5.17 3.89 6.39
N HIS A 33 4.30 3.50 5.48
CA HIS A 33 2.96 3.03 5.85
C HIS A 33 2.67 1.68 5.20
N CYS A 34 3.38 0.65 5.65
CA CYS A 34 3.20 -0.70 5.13
C CYS A 34 3.06 -1.71 6.26
N GLY A 35 2.98 -2.98 5.89
CA GLY A 35 2.85 -4.03 6.90
C GLY A 35 4.18 -4.52 7.40
N PRO A 36 4.84 -5.40 6.63
CA PRO A 36 6.14 -5.97 6.99
C PRO A 36 7.26 -4.93 6.91
N TYR A 37 7.31 -4.20 5.80
CA TYR A 37 8.32 -3.18 5.60
C TYR A 37 7.88 -2.16 4.56
N PRO A 38 8.52 -0.97 4.58
CA PRO A 38 8.21 0.10 3.65
C PRO A 38 8.64 -0.22 2.21
N GLN A 39 9.34 -1.34 2.05
CA GLN A 39 9.82 -1.75 0.74
C GLN A 39 8.64 -2.07 -0.18
N PHE A 40 7.58 -2.62 0.39
CA PHE A 40 6.39 -2.97 -0.39
C PHE A 40 5.45 -1.77 -0.52
N GLY A 41 4.42 -1.92 -1.33
CA GLY A 41 3.47 -0.84 -1.53
C GLY A 41 2.05 -1.25 -1.16
N CYS A 42 1.21 -0.26 -0.89
CA CYS A 42 -0.18 -0.51 -0.52
C CYS A 42 -0.98 -1.01 -1.72
N CYS A 43 -1.54 -2.22 -1.59
CA CYS A 43 -2.33 -2.81 -2.67
C CYS A 43 -3.73 -3.17 -2.17
N ALA A 44 -4.75 -2.71 -2.91
CA ALA A 44 -6.13 -2.98 -2.55
C ALA A 44 -7.03 -2.95 -3.77
N PRO A 2 -0.04 12.13 4.63
CA PRO A 2 -1.05 12.18 3.57
C PRO A 2 -2.12 11.10 3.72
N ARG A 3 -3.06 11.34 4.62
CA ARG A 3 -4.13 10.39 4.88
C ARG A 3 -5.18 10.44 3.76
N SER A 4 -5.55 11.65 3.36
CA SER A 4 -6.54 11.84 2.30
C SER A 4 -5.98 11.38 0.96
N HIS A 5 -4.70 11.63 0.74
CA HIS A 5 -4.05 11.25 -0.51
C HIS A 5 -3.74 9.75 -0.52
N VAL A 6 -3.52 9.19 0.67
CA VAL A 6 -3.21 7.76 0.78
C VAL A 6 -3.74 7.19 2.10
N ASP A 7 -4.68 6.26 2.00
CA ASP A 7 -5.27 5.64 3.17
C ASP A 7 -4.75 4.22 3.36
N CYS A 8 -3.42 4.08 3.42
CA CYS A 8 -2.79 2.78 3.60
C CYS A 8 -3.25 2.13 4.90
N PRO A 9 -2.98 2.79 6.02
CA PRO A 9 -3.35 2.29 7.35
C PRO A 9 -4.86 2.33 7.58
N ALA A 10 -5.52 3.31 6.97
CA ALA A 10 -6.97 3.44 7.10
C ALA A 10 -7.70 2.34 6.35
N LEU A 11 -7.13 1.93 5.21
CA LEU A 11 -7.74 0.88 4.40
C LEU A 11 -7.47 -0.49 4.99
N HIS A 12 -6.31 -0.65 5.63
CA HIS A 12 -5.94 -1.92 6.25
C HIS A 12 -5.86 -3.02 5.21
N GLY A 13 -5.43 -2.67 4.00
CA GLY A 13 -5.31 -3.65 2.94
C GLY A 13 -4.16 -4.60 3.15
N GLN A 14 -3.33 -4.76 2.12
CA GLN A 14 -2.17 -5.64 2.21
C GLN A 14 -0.98 -5.07 1.44
N CYS A 15 0.22 -5.45 1.85
CA CYS A 15 1.43 -4.98 1.20
C CYS A 15 2.11 -6.10 0.42
N GLN A 16 2.44 -5.80 -0.84
CA GLN A 16 3.09 -6.80 -1.70
C GLN A 16 4.09 -6.12 -2.64
N SER A 17 5.13 -6.85 -3.02
CA SER A 17 6.16 -6.33 -3.91
C SER A 17 5.55 -5.90 -5.23
N LEU A 18 5.48 -4.59 -5.45
CA LEU A 18 4.91 -4.04 -6.68
C LEU A 18 5.63 -4.62 -7.90
N PRO A 19 4.97 -4.52 -9.08
CA PRO A 19 3.65 -3.89 -9.19
C PRO A 19 2.55 -4.72 -8.53
N CYS A 20 1.53 -4.03 -8.01
CA CYS A 20 0.41 -4.71 -7.36
C CYS A 20 -0.32 -5.62 -8.34
N THR A 21 -0.33 -6.91 -8.05
CA THR A 21 -1.01 -7.89 -8.90
C THR A 21 -2.51 -7.89 -8.65
N TYR A 22 -3.28 -7.98 -9.72
CA TYR A 22 -4.74 -7.99 -9.62
C TYR A 22 -5.20 -9.05 -8.63
N PRO A 23 -6.43 -8.87 -8.11
CA PRO A 23 -7.28 -7.74 -8.47
C PRO A 23 -6.76 -6.42 -7.92
N LEU A 24 -6.09 -6.49 -6.76
CA LEU A 24 -5.53 -5.31 -6.14
C LEU A 24 -4.68 -4.51 -7.12
N VAL A 25 -4.47 -3.23 -6.82
CA VAL A 25 -3.66 -2.37 -7.68
C VAL A 25 -3.02 -1.24 -6.87
N PHE A 26 -2.00 -0.62 -7.45
CA PHE A 26 -1.30 0.48 -6.79
C PHE A 26 -2.29 1.55 -6.31
N VAL A 27 -2.01 2.12 -5.14
CA VAL A 27 -2.86 3.15 -4.57
C VAL A 27 -2.11 4.47 -4.43
N GLY A 28 -0.86 4.38 -4.00
CA GLY A 28 -0.05 5.57 -3.83
C GLY A 28 1.31 5.27 -3.23
N PRO A 29 2.23 6.24 -3.31
CA PRO A 29 3.59 6.09 -2.77
C PRO A 29 3.61 6.07 -1.25
N ASP A 30 3.76 4.88 -0.68
CA ASP A 30 3.80 4.72 0.77
C ASP A 30 5.22 4.44 1.25
N PRO A 31 5.92 5.50 1.67
CA PRO A 31 7.30 5.38 2.16
C PRO A 31 7.38 4.67 3.50
N PHE A 32 6.54 5.09 4.45
CA PHE A 32 6.52 4.49 5.77
C PHE A 32 5.10 4.16 6.20
N HIS A 33 4.37 3.45 5.34
CA HIS A 33 3.00 3.08 5.62
C HIS A 33 2.69 1.68 5.10
N CYS A 34 3.49 0.71 5.51
CA CYS A 34 3.31 -0.67 5.08
C CYS A 34 3.17 -1.60 6.28
N GLY A 35 3.02 -2.89 6.01
CA GLY A 35 2.87 -3.87 7.08
C GLY A 35 4.20 -4.38 7.59
N PRO A 36 4.79 -5.34 6.85
CA PRO A 36 6.08 -5.92 7.21
C PRO A 36 7.24 -4.95 7.04
N TYR A 37 7.29 -4.29 5.89
CA TYR A 37 8.35 -3.33 5.60
C TYR A 37 7.92 -2.36 4.51
N PRO A 38 8.60 -1.20 4.45
CA PRO A 38 8.30 -0.16 3.47
C PRO A 38 8.69 -0.58 2.05
N GLN A 39 9.34 -1.72 1.93
CA GLN A 39 9.77 -2.24 0.64
C GLN A 39 8.56 -2.56 -0.24
N PHE A 40 7.49 -3.04 0.39
CA PHE A 40 6.28 -3.40 -0.34
C PHE A 40 5.38 -2.17 -0.53
N GLY A 41 4.31 -2.34 -1.30
CA GLY A 41 3.39 -1.25 -1.54
C GLY A 41 1.95 -1.63 -1.26
N CYS A 42 1.11 -0.63 -1.02
CA CYS A 42 -0.29 -0.85 -0.74
C CYS A 42 -1.05 -1.25 -1.99
N CYS A 43 -1.76 -2.37 -1.92
CA CYS A 43 -2.54 -2.87 -3.06
C CYS A 43 -4.01 -3.00 -2.70
N ALA A 44 -4.86 -2.33 -3.47
CA ALA A 44 -6.30 -2.38 -3.23
C ALA A 44 -7.07 -2.25 -4.53
N PRO A 2 0.16 11.44 0.59
CA PRO A 2 -0.09 11.46 2.04
C PRO A 2 -1.33 10.63 2.42
N ARG A 3 -1.41 10.26 3.69
CA ARG A 3 -2.53 9.47 4.19
C ARG A 3 -3.86 10.14 3.82
N SER A 4 -3.85 11.46 3.72
CA SER A 4 -5.04 12.22 3.39
C SER A 4 -5.54 11.84 1.99
N HIS A 5 -4.61 11.54 1.09
CA HIS A 5 -4.95 11.17 -0.27
C HIS A 5 -5.17 9.65 -0.39
N VAL A 6 -4.50 8.90 0.49
CA VAL A 6 -4.62 7.44 0.48
C VAL A 6 -4.88 6.92 1.89
N ASP A 7 -5.99 6.22 2.06
CA ASP A 7 -6.35 5.65 3.36
C ASP A 7 -5.79 4.25 3.51
N CYS A 8 -4.49 4.11 3.31
CA CYS A 8 -3.82 2.82 3.43
C CYS A 8 -4.05 2.21 4.80
N PRO A 9 -3.63 2.93 5.85
CA PRO A 9 -3.78 2.48 7.23
C PRO A 9 -5.24 2.50 7.69
N ALA A 10 -6.02 3.44 7.17
CA ALA A 10 -7.42 3.55 7.52
C ALA A 10 -8.22 2.38 6.96
N LEU A 11 -7.85 1.92 5.77
CA LEU A 11 -8.53 0.80 5.13
C LEU A 11 -7.91 -0.53 5.56
N HIS A 12 -6.62 -0.51 5.86
CA HIS A 12 -5.91 -1.71 6.27
C HIS A 12 -5.83 -2.73 5.14
N GLY A 13 -5.02 -2.42 4.13
CA GLY A 13 -4.88 -3.32 2.99
C GLY A 13 -3.73 -4.30 3.18
N GLN A 14 -2.87 -4.39 2.16
CA GLN A 14 -1.74 -5.30 2.21
C GLN A 14 -0.57 -4.76 1.40
N CYS A 15 0.63 -4.87 1.94
CA CYS A 15 1.83 -4.39 1.27
C CYS A 15 2.43 -5.48 0.39
N GLN A 16 2.70 -5.14 -0.86
CA GLN A 16 3.28 -6.10 -1.80
C GLN A 16 4.22 -5.40 -2.78
N SER A 17 5.07 -6.17 -3.44
CA SER A 17 6.03 -5.62 -4.39
C SER A 17 5.33 -5.24 -5.69
N LEU A 18 5.18 -3.93 -5.90
CA LEU A 18 4.53 -3.42 -7.11
C LEU A 18 5.15 -4.03 -8.36
N PRO A 19 4.41 -3.96 -9.48
CA PRO A 19 3.09 -3.34 -9.52
C PRO A 19 2.04 -4.16 -8.77
N CYS A 20 0.98 -3.50 -8.33
CA CYS A 20 -0.09 -4.17 -7.60
C CYS A 20 -0.89 -5.09 -8.52
N THR A 21 -0.78 -6.39 -8.29
CA THR A 21 -1.50 -7.36 -9.11
C THR A 21 -2.98 -7.37 -8.76
N TYR A 22 -3.83 -7.31 -9.79
CA TYR A 22 -5.27 -7.31 -9.61
C TYR A 22 -5.70 -8.47 -8.72
N PRO A 23 -6.89 -8.34 -8.11
CA PRO A 23 -7.74 -7.16 -8.28
C PRO A 23 -7.15 -5.92 -7.60
N LEU A 24 -6.36 -6.15 -6.56
CA LEU A 24 -5.74 -5.05 -5.82
C LEU A 24 -5.01 -4.10 -6.77
N VAL A 25 -5.20 -2.80 -6.56
CA VAL A 25 -4.56 -1.79 -7.39
C VAL A 25 -3.49 -1.04 -6.62
N PHE A 26 -2.85 -0.08 -7.28
CA PHE A 26 -1.80 0.71 -6.66
C PHE A 26 -2.28 2.13 -6.39
N VAL A 27 -1.98 2.63 -5.19
CA VAL A 27 -2.38 3.99 -4.80
C VAL A 27 -1.18 4.82 -4.39
N GLY A 28 -0.23 4.20 -3.70
CA GLY A 28 0.96 4.90 -3.26
C GLY A 28 1.65 4.21 -2.10
N PRO A 29 2.95 4.49 -1.92
CA PRO A 29 3.75 3.90 -0.84
C PRO A 29 3.35 4.44 0.53
N ASP A 30 3.08 3.53 1.46
CA ASP A 30 2.69 3.90 2.81
C ASP A 30 3.83 3.66 3.79
N PRO A 31 4.63 4.71 4.04
CA PRO A 31 5.77 4.63 4.96
C PRO A 31 5.34 4.49 6.42
N PHE A 32 4.05 4.76 6.68
CA PHE A 32 3.52 4.67 8.03
C PHE A 32 3.88 3.34 8.67
N HIS A 33 3.27 2.26 8.18
CA HIS A 33 3.54 0.93 8.70
C HIS A 33 3.20 -0.14 7.66
N CYS A 34 4.21 -0.54 6.89
CA CYS A 34 4.03 -1.56 5.87
C CYS A 34 4.08 -2.97 6.47
N GLY A 35 3.93 -3.97 5.62
CA GLY A 35 3.97 -5.35 6.07
C GLY A 35 5.38 -5.91 6.12
N PRO A 36 5.88 -6.35 4.95
CA PRO A 36 7.23 -6.91 4.83
C PRO A 36 8.32 -5.87 5.01
N TYR A 37 8.17 -4.74 4.31
CA TYR A 37 9.15 -3.66 4.40
C TYR A 37 8.55 -2.35 3.91
N PRO A 38 9.19 -1.24 4.30
CA PRO A 38 8.74 0.11 3.91
C PRO A 38 8.94 0.38 2.43
N GLN A 39 9.97 -0.22 1.85
CA GLN A 39 10.27 -0.04 0.44
C GLN A 39 9.12 -0.52 -0.44
N PHE A 40 8.46 -1.59 0.01
CA PHE A 40 7.34 -2.16 -0.73
C PHE A 40 6.27 -1.10 -1.00
N GLY A 41 5.24 -1.48 -1.75
CA GLY A 41 4.17 -0.55 -2.06
C GLY A 41 2.86 -0.93 -1.40
N CYS A 42 1.93 0.02 -1.36
CA CYS A 42 0.63 -0.22 -0.74
C CYS A 42 -0.40 -0.64 -1.79
N CYS A 43 -1.02 -1.79 -1.57
CA CYS A 43 -2.02 -2.31 -2.50
C CYS A 43 -3.39 -2.36 -1.84
N ALA A 44 -4.42 -1.99 -2.60
CA ALA A 44 -5.79 -1.98 -2.09
C ALA A 44 -6.75 -2.58 -3.11
N PRO A 2 -2.83 14.58 2.66
CA PRO A 2 -2.12 13.41 2.14
C PRO A 2 -2.93 12.13 2.29
N ARG A 3 -3.59 11.98 3.44
CA ARG A 3 -4.40 10.80 3.71
C ARG A 3 -5.44 10.58 2.61
N SER A 4 -6.01 11.68 2.12
CA SER A 4 -7.02 11.60 1.07
C SER A 4 -6.42 11.06 -0.22
N HIS A 5 -5.16 11.42 -0.49
CA HIS A 5 -4.46 10.96 -1.69
C HIS A 5 -4.01 9.52 -1.53
N VAL A 6 -3.75 9.11 -0.29
CA VAL A 6 -3.31 7.75 0.00
C VAL A 6 -4.14 7.12 1.11
N ASP A 7 -5.06 6.25 0.73
CA ASP A 7 -5.91 5.58 1.71
C ASP A 7 -5.40 4.17 2.00
N CYS A 8 -4.08 4.03 2.02
CA CYS A 8 -3.46 2.74 2.30
C CYS A 8 -3.76 2.28 3.72
N PRO A 9 -3.37 3.11 4.71
CA PRO A 9 -3.59 2.81 6.13
C PRO A 9 -5.07 2.88 6.51
N ALA A 10 -5.76 3.89 6.00
CA ALA A 10 -7.17 4.06 6.29
C ALA A 10 -7.99 2.86 5.81
N LEU A 11 -7.57 2.28 4.69
CA LEU A 11 -8.26 1.13 4.13
C LEU A 11 -7.71 -0.16 4.71
N HIS A 12 -6.42 -0.16 5.05
CA HIS A 12 -5.78 -1.34 5.62
C HIS A 12 -5.74 -2.48 4.60
N GLY A 13 -4.86 -2.35 3.61
CA GLY A 13 -4.73 -3.38 2.60
C GLY A 13 -3.66 -4.39 2.92
N GLN A 14 -2.70 -4.54 2.00
CA GLN A 14 -1.60 -5.48 2.19
C GLN A 14 -0.34 -5.00 1.48
N CYS A 15 0.77 -5.02 2.20
CA CYS A 15 2.05 -4.58 1.63
C CYS A 15 2.66 -5.66 0.74
N GLN A 16 2.80 -5.35 -0.54
CA GLN A 16 3.36 -6.30 -1.49
C GLN A 16 4.24 -5.58 -2.51
N SER A 17 4.99 -6.36 -3.29
CA SER A 17 5.89 -5.80 -4.31
C SER A 17 5.11 -5.49 -5.59
N LEU A 18 5.22 -4.25 -6.04
CA LEU A 18 4.55 -3.83 -7.27
C LEU A 18 5.07 -4.59 -8.47
N PRO A 19 4.28 -4.59 -9.56
CA PRO A 19 2.99 -3.91 -9.60
C PRO A 19 1.94 -4.59 -8.72
N CYS A 20 0.87 -3.87 -8.41
CA CYS A 20 -0.20 -4.40 -7.57
C CYS A 20 -1.22 -5.16 -8.42
N THR A 21 -1.55 -6.38 -7.99
CA THR A 21 -2.51 -7.21 -8.70
C THR A 21 -3.93 -6.95 -8.20
N TYR A 22 -4.83 -6.64 -9.13
CA TYR A 22 -6.21 -6.38 -8.79
C TYR A 22 -6.79 -7.50 -7.92
N PRO A 23 -7.87 -7.19 -7.19
CA PRO A 23 -8.47 -5.86 -7.21
C PRO A 23 -7.59 -4.81 -6.53
N LEU A 24 -6.69 -5.28 -5.68
CA LEU A 24 -5.78 -4.38 -4.97
C LEU A 24 -5.12 -3.40 -5.93
N VAL A 25 -5.42 -2.12 -5.75
CA VAL A 25 -4.86 -1.08 -6.59
C VAL A 25 -3.63 -0.44 -5.95
N PHE A 26 -2.73 0.08 -6.77
CA PHE A 26 -1.52 0.73 -6.28
C PHE A 26 -1.81 2.13 -5.74
N VAL A 27 -1.31 2.42 -4.55
CA VAL A 27 -1.52 3.72 -3.94
C VAL A 27 -0.19 4.37 -3.56
N GLY A 28 0.76 3.55 -3.14
CA GLY A 28 2.07 4.06 -2.75
C GLY A 28 2.69 3.27 -1.62
N PRO A 29 4.02 3.38 -1.47
CA PRO A 29 4.77 2.68 -0.43
C PRO A 29 4.48 3.24 0.96
N ASP A 30 4.10 2.36 1.88
CA ASP A 30 3.80 2.76 3.25
C ASP A 30 4.91 2.34 4.20
N PRO A 31 5.84 3.27 4.47
CA PRO A 31 6.97 3.01 5.37
C PRO A 31 6.54 2.88 6.82
N PHE A 32 5.36 3.39 7.13
CA PHE A 32 4.83 3.34 8.49
C PHE A 32 4.93 1.92 9.05
N HIS A 33 4.04 1.05 8.58
CA HIS A 33 4.03 -0.34 9.04
C HIS A 33 3.74 -1.29 7.88
N CYS A 34 4.80 -1.77 7.25
CA CYS A 34 4.67 -2.69 6.12
C CYS A 34 4.96 -4.12 6.55
N GLY A 35 4.84 -5.06 5.61
CA GLY A 35 5.11 -6.45 5.91
C GLY A 35 6.57 -6.82 5.73
N PRO A 36 6.97 -7.08 4.48
CA PRO A 36 8.36 -7.45 4.16
C PRO A 36 9.32 -6.28 4.33
N TYR A 37 8.96 -5.13 3.78
CA TYR A 37 9.79 -3.94 3.86
C TYR A 37 8.98 -2.68 3.58
N PRO A 38 9.51 -1.53 4.00
CA PRO A 38 8.86 -0.23 3.80
C PRO A 38 8.85 0.20 2.34
N GLN A 39 9.89 -0.20 1.62
CA GLN A 39 10.00 0.14 0.20
C GLN A 39 8.83 -0.42 -0.60
N PHE A 40 8.37 -1.61 -0.20
CA PHE A 40 7.25 -2.26 -0.89
C PHE A 40 6.06 -1.31 -1.00
N GLY A 41 5.17 -1.62 -1.93
CA GLY A 41 4.00 -0.79 -2.13
C GLY A 41 2.81 -1.25 -1.31
N CYS A 42 1.82 -0.37 -1.14
CA CYS A 42 0.63 -0.70 -0.37
C CYS A 42 -0.53 -1.07 -1.29
N CYS A 43 -0.67 -2.36 -1.56
CA CYS A 43 -1.74 -2.85 -2.42
C CYS A 43 -3.05 -2.94 -1.66
N ALA A 44 -4.04 -2.16 -2.10
CA ALA A 44 -5.34 -2.14 -1.46
C ALA A 44 -6.46 -2.04 -2.50
N PRO A 2 -1.48 13.90 3.97
CA PRO A 2 -0.89 12.64 3.50
C PRO A 2 -1.90 11.49 3.56
N ARG A 3 -2.58 11.36 4.68
CA ARG A 3 -3.57 10.29 4.86
C ARG A 3 -4.70 10.42 3.84
N SER A 4 -5.10 11.66 3.57
CA SER A 4 -6.17 11.92 2.62
C SER A 4 -5.75 11.54 1.21
N HIS A 5 -4.49 11.80 0.88
CA HIS A 5 -3.96 11.48 -0.44
C HIS A 5 -3.66 9.99 -0.55
N VAL A 6 -3.34 9.37 0.58
CA VAL A 6 -3.01 7.94 0.61
C VAL A 6 -3.69 7.25 1.78
N ASP A 7 -4.75 6.50 1.49
CA ASP A 7 -5.48 5.78 2.53
C ASP A 7 -5.01 4.34 2.63
N CYS A 8 -3.71 4.13 2.44
CA CYS A 8 -3.14 2.79 2.51
C CYS A 8 -3.28 2.20 3.91
N PRO A 9 -2.74 2.91 4.91
CA PRO A 9 -2.80 2.48 6.31
C PRO A 9 -4.22 2.57 6.89
N ALA A 10 -4.90 3.66 6.58
CA ALA A 10 -6.26 3.87 7.06
C ALA A 10 -7.19 2.77 6.58
N LEU A 11 -6.93 2.26 5.38
CA LEU A 11 -7.74 1.19 4.80
C LEU A 11 -7.31 -0.17 5.34
N HIS A 12 -6.01 -0.30 5.60
CA HIS A 12 -5.47 -1.56 6.11
C HIS A 12 -5.68 -2.69 5.11
N GLY A 13 -5.01 -2.60 3.96
CA GLY A 13 -5.14 -3.62 2.94
C GLY A 13 -4.04 -4.67 3.03
N GLN A 14 -3.22 -4.75 2.00
CA GLN A 14 -2.13 -5.72 1.96
C GLN A 14 -0.92 -5.16 1.22
N CYS A 15 0.26 -5.41 1.76
CA CYS A 15 1.50 -4.93 1.14
C CYS A 15 2.18 -6.03 0.35
N GLN A 16 2.44 -5.77 -0.93
CA GLN A 16 3.08 -6.75 -1.79
C GLN A 16 4.04 -6.06 -2.76
N SER A 17 4.99 -6.82 -3.29
CA SER A 17 5.97 -6.30 -4.22
C SER A 17 5.30 -5.88 -5.53
N LEU A 18 5.27 -4.57 -5.78
CA LEU A 18 4.65 -4.04 -7.00
C LEU A 18 5.32 -4.63 -8.24
N PRO A 19 4.61 -4.54 -9.38
CA PRO A 19 3.29 -3.92 -9.44
C PRO A 19 2.21 -4.76 -8.74
N CYS A 20 1.28 -4.08 -8.08
CA CYS A 20 0.21 -4.76 -7.36
C CYS A 20 -0.47 -5.79 -8.25
N THR A 21 -0.59 -7.02 -7.74
CA THR A 21 -1.22 -8.10 -8.49
C THR A 21 -2.74 -7.99 -8.42
N TYR A 22 -3.37 -7.98 -9.59
CA TYR A 22 -4.83 -7.89 -9.67
C TYR A 22 -5.49 -8.93 -8.79
N PRO A 23 -6.76 -8.68 -8.43
CA PRO A 23 -7.47 -7.49 -8.83
C PRO A 23 -6.93 -6.22 -8.16
N LEU A 24 -6.34 -6.40 -6.98
CA LEU A 24 -5.78 -5.27 -6.24
C LEU A 24 -4.87 -4.43 -7.13
N VAL A 25 -4.64 -3.19 -6.71
CA VAL A 25 -3.77 -2.28 -7.47
C VAL A 25 -3.05 -1.31 -6.54
N PHE A 26 -2.06 -0.61 -7.09
CA PHE A 26 -1.29 0.35 -6.31
C PHE A 26 -2.21 1.38 -5.65
N VAL A 27 -1.86 1.76 -4.42
CA VAL A 27 -2.66 2.74 -3.69
C VAL A 27 -1.88 4.02 -3.45
N GLY A 28 -0.74 3.91 -2.77
CA GLY A 28 0.09 5.06 -2.50
C GLY A 28 1.41 4.69 -1.85
N PRO A 29 2.35 5.65 -1.82
CA PRO A 29 3.67 5.44 -1.22
C PRO A 29 3.61 5.32 0.29
N ASP A 30 3.94 4.13 0.80
CA ASP A 30 3.93 3.88 2.24
C ASP A 30 5.35 3.81 2.79
N PRO A 31 5.84 4.95 3.31
CA PRO A 31 7.18 5.03 3.88
C PRO A 31 7.31 4.26 5.19
N PHE A 32 6.38 4.47 6.09
CA PHE A 32 6.38 3.78 7.38
C PHE A 32 5.00 3.25 7.73
N HIS A 33 4.37 2.58 6.77
CA HIS A 33 3.05 2.02 6.97
C HIS A 33 2.82 0.82 6.06
N CYS A 34 3.64 -0.21 6.23
CA CYS A 34 3.54 -1.42 5.41
C CYS A 34 3.54 -2.67 6.30
N GLY A 35 3.36 -3.83 5.67
CA GLY A 35 3.36 -5.08 6.42
C GLY A 35 4.75 -5.66 6.59
N PRO A 36 5.25 -6.30 5.52
CA PRO A 36 6.58 -6.92 5.54
C PRO A 36 7.71 -5.88 5.58
N TYR A 37 7.63 -4.90 4.69
CA TYR A 37 8.64 -3.85 4.62
C TYR A 37 8.08 -2.60 3.95
N PRO A 38 8.74 -1.46 4.17
CA PRO A 38 8.33 -0.18 3.60
C PRO A 38 8.55 -0.13 2.09
N GLN A 39 9.58 -0.82 1.61
CA GLN A 39 9.89 -0.85 0.19
C GLN A 39 8.70 -1.34 -0.62
N PHE A 40 7.95 -2.27 -0.04
CA PHE A 40 6.78 -2.82 -0.71
C PHE A 40 5.76 -1.74 -1.04
N GLY A 41 4.67 -2.13 -1.69
CA GLY A 41 3.64 -1.16 -2.05
C GLY A 41 2.25 -1.62 -1.64
N CYS A 42 1.49 -0.70 -1.06
CA CYS A 42 0.13 -1.01 -0.62
C CYS A 42 -0.76 -1.39 -1.80
N CYS A 43 -1.65 -2.35 -1.58
CA CYS A 43 -2.56 -2.81 -2.62
C CYS A 43 -4.00 -2.76 -2.13
N ALA A 44 -4.90 -2.34 -3.02
CA ALA A 44 -6.32 -2.25 -2.69
C ALA A 44 -7.18 -2.20 -3.94
N PRO A 2 -0.55 12.44 2.21
CA PRO A 2 -1.42 12.41 3.40
C PRO A 2 -2.32 11.18 3.42
N ARG A 3 -2.91 10.91 4.58
CA ARG A 3 -3.79 9.75 4.75
C ARG A 3 -4.88 9.75 3.68
N SER A 4 -5.36 10.94 3.32
CA SER A 4 -6.40 11.06 2.31
C SER A 4 -5.95 10.48 0.98
N HIS A 5 -4.67 10.64 0.67
CA HIS A 5 -4.10 10.12 -0.58
C HIS A 5 -3.82 8.62 -0.46
N VAL A 6 -3.56 8.16 0.76
CA VAL A 6 -3.27 6.76 1.01
C VAL A 6 -3.94 6.27 2.29
N ASP A 7 -4.90 5.38 2.14
CA ASP A 7 -5.63 4.83 3.29
C ASP A 7 -5.23 3.39 3.54
N CYS A 8 -3.95 3.16 3.83
CA CYS A 8 -3.45 1.82 4.08
C CYS A 8 -4.16 1.19 5.29
N PRO A 9 -4.04 1.85 6.45
CA PRO A 9 -4.67 1.37 7.69
C PRO A 9 -6.18 1.50 7.66
N ALA A 10 -6.68 2.57 7.05
CA ALA A 10 -8.10 2.81 6.95
C ALA A 10 -8.78 1.75 6.08
N LEU A 11 -8.23 1.54 4.89
CA LEU A 11 -8.78 0.55 3.96
C LEU A 11 -8.42 -0.87 4.40
N HIS A 12 -7.26 -1.01 5.05
CA HIS A 12 -6.81 -2.31 5.51
C HIS A 12 -6.52 -3.24 4.34
N GLY A 13 -5.68 -2.79 3.42
CA GLY A 13 -5.34 -3.59 2.27
C GLY A 13 -4.17 -4.53 2.53
N GLN A 14 -3.30 -4.67 1.54
CA GLN A 14 -2.13 -5.53 1.67
C GLN A 14 -0.91 -4.90 1.04
N CYS A 15 0.21 -4.92 1.77
CA CYS A 15 1.45 -4.33 1.27
C CYS A 15 2.30 -5.38 0.55
N GLN A 16 2.42 -5.22 -0.77
CA GLN A 16 3.19 -6.16 -1.58
C GLN A 16 3.92 -5.42 -2.70
N SER A 17 5.02 -6.01 -3.17
CA SER A 17 5.81 -5.41 -4.24
C SER A 17 4.93 -5.05 -5.43
N LEU A 18 5.41 -4.13 -6.26
CA LEU A 18 4.66 -3.69 -7.43
C LEU A 18 5.18 -4.39 -8.69
N PRO A 19 4.35 -4.39 -9.75
CA PRO A 19 3.02 -3.77 -9.71
C PRO A 19 2.05 -4.53 -8.82
N CYS A 20 1.14 -3.80 -8.17
CA CYS A 20 0.16 -4.41 -7.29
C CYS A 20 -0.88 -5.21 -8.09
N THR A 21 -0.83 -6.53 -7.93
CA THR A 21 -1.76 -7.42 -8.63
C THR A 21 -3.20 -7.15 -8.20
N TYR A 22 -4.14 -7.42 -9.11
CA TYR A 22 -5.55 -7.21 -8.83
C TYR A 22 -6.05 -8.22 -7.80
N PRO A 23 -7.20 -7.90 -7.16
CA PRO A 23 -7.92 -6.66 -7.43
C PRO A 23 -7.18 -5.43 -6.91
N LEU A 24 -6.37 -5.63 -5.88
CA LEU A 24 -5.59 -4.53 -5.30
C LEU A 24 -4.81 -3.78 -6.38
N VAL A 25 -4.46 -2.53 -6.08
CA VAL A 25 -3.71 -1.71 -7.02
C VAL A 25 -2.87 -0.68 -6.29
N PHE A 26 -1.77 -0.26 -6.91
CA PHE A 26 -0.87 0.72 -6.32
C PHE A 26 -1.62 2.01 -6.00
N VAL A 27 -1.27 2.64 -4.89
CA VAL A 27 -1.91 3.88 -4.48
C VAL A 27 -0.87 4.99 -4.24
N GLY A 28 0.28 4.59 -3.70
CA GLY A 28 1.34 5.55 -3.43
C GLY A 28 2.43 4.98 -2.54
N PRO A 29 3.58 5.68 -2.51
CA PRO A 29 4.73 5.25 -1.69
C PRO A 29 4.47 5.41 -0.20
N ASP A 30 4.40 4.29 0.51
CA ASP A 30 4.16 4.30 1.95
C ASP A 30 5.43 3.97 2.71
N PRO A 31 6.15 5.02 3.15
CA PRO A 31 7.40 4.87 3.90
C PRO A 31 7.16 4.31 5.30
N PHE A 32 6.21 4.89 6.02
CA PHE A 32 5.89 4.45 7.37
C PHE A 32 4.43 4.02 7.48
N HIS A 33 4.00 3.18 6.53
CA HIS A 33 2.62 2.69 6.52
C HIS A 33 2.54 1.34 5.79
N CYS A 34 3.56 0.52 5.97
CA CYS A 34 3.60 -0.80 5.33
C CYS A 34 3.62 -1.91 6.38
N GLY A 35 3.57 -3.15 5.91
CA GLY A 35 3.58 -4.29 6.81
C GLY A 35 4.99 -4.75 7.15
N PRO A 36 5.58 -5.56 6.26
CA PRO A 36 6.94 -6.09 6.45
C PRO A 36 8.00 -5.01 6.30
N TYR A 37 7.92 -4.24 5.22
CA TYR A 37 8.88 -3.17 4.97
C TYR A 37 8.32 -2.16 3.97
N PRO A 38 8.92 -0.96 3.94
CA PRO A 38 8.51 0.11 3.03
C PRO A 38 8.84 -0.20 1.58
N GLN A 39 9.56 -1.31 1.36
CA GLN A 39 9.94 -1.71 0.02
C GLN A 39 8.72 -2.05 -0.82
N PHE A 40 7.70 -2.62 -0.17
CA PHE A 40 6.47 -3.00 -0.86
C PHE A 40 5.50 -1.82 -0.91
N GLY A 41 4.62 -1.83 -1.92
CA GLY A 41 3.66 -0.76 -2.07
C GLY A 41 2.34 -1.08 -1.40
N CYS A 42 1.57 -0.04 -1.08
CA CYS A 42 0.28 -0.21 -0.43
C CYS A 42 -0.80 -0.61 -1.43
N CYS A 43 -0.95 -1.91 -1.65
CA CYS A 43 -1.94 -2.42 -2.58
C CYS A 43 -3.33 -2.42 -1.96
N ALA A 44 -4.25 -1.66 -2.56
CA ALA A 44 -5.62 -1.58 -2.06
C ALA A 44 -6.61 -2.07 -3.11
N PRO A 2 -1.49 13.28 3.00
CA PRO A 2 -2.68 13.19 2.16
C PRO A 2 -3.33 11.81 2.22
N ARG A 3 -4.17 11.60 3.23
CA ARG A 3 -4.85 10.32 3.40
C ARG A 3 -5.56 9.91 2.12
N SER A 4 -6.10 10.89 1.40
CA SER A 4 -6.81 10.62 0.16
C SER A 4 -5.92 9.89 -0.83
N HIS A 5 -4.67 10.31 -0.92
CA HIS A 5 -3.71 9.70 -1.83
C HIS A 5 -3.16 8.39 -1.25
N VAL A 6 -3.14 8.32 0.08
CA VAL A 6 -2.64 7.12 0.76
C VAL A 6 -3.60 6.69 1.86
N ASP A 7 -4.46 5.72 1.54
CA ASP A 7 -5.42 5.20 2.50
C ASP A 7 -5.02 3.82 2.99
N CYS A 8 -3.72 3.60 3.11
CA CYS A 8 -3.20 2.32 3.57
C CYS A 8 -3.64 2.03 5.00
N PRO A 9 -3.28 2.93 5.93
CA PRO A 9 -3.62 2.80 7.34
C PRO A 9 -5.12 3.00 7.59
N ALA A 10 -5.73 3.91 6.84
CA ALA A 10 -7.14 4.19 6.98
C ALA A 10 -7.98 3.00 6.53
N LEU A 11 -7.65 2.44 5.38
CA LEU A 11 -8.38 1.29 4.84
C LEU A 11 -7.91 -0.01 5.50
N HIS A 12 -6.71 0.02 6.06
CA HIS A 12 -6.16 -1.15 6.73
C HIS A 12 -5.93 -2.28 5.73
N GLY A 13 -5.18 -2.00 4.66
CA GLY A 13 -4.91 -3.01 3.65
C GLY A 13 -3.54 -3.63 3.82
N GLN A 14 -2.90 -3.94 2.70
CA GLN A 14 -1.57 -4.55 2.73
C GLN A 14 -0.76 -4.15 1.50
N CYS A 15 0.53 -3.92 1.70
CA CYS A 15 1.42 -3.52 0.61
C CYS A 15 2.15 -4.74 0.04
N GLN A 16 2.26 -4.78 -1.27
CA GLN A 16 2.94 -5.89 -1.95
C GLN A 16 3.97 -5.37 -2.94
N SER A 17 4.93 -6.23 -3.28
CA SER A 17 5.98 -5.86 -4.23
C SER A 17 5.40 -5.49 -5.59
N LEU A 18 5.30 -4.20 -5.85
CA LEU A 18 4.75 -3.72 -7.12
C LEU A 18 5.43 -4.39 -8.30
N PRO A 19 4.77 -4.37 -9.46
CA PRO A 19 3.46 -3.71 -9.61
C PRO A 19 2.35 -4.48 -8.89
N CYS A 20 1.43 -3.73 -8.29
CA CYS A 20 0.31 -4.34 -7.56
C CYS A 20 -0.41 -5.36 -8.43
N THR A 21 -0.71 -6.52 -7.85
CA THR A 21 -1.39 -7.58 -8.56
C THR A 21 -2.89 -7.53 -8.31
N TYR A 22 -3.66 -7.43 -9.38
CA TYR A 22 -5.12 -7.38 -9.28
C TYR A 22 -5.65 -8.51 -8.41
N PRO A 23 -6.87 -8.34 -7.88
CA PRO A 23 -7.66 -7.12 -8.09
C PRO A 23 -7.06 -5.91 -7.40
N LEU A 24 -6.16 -6.16 -6.46
CA LEU A 24 -5.51 -5.07 -5.72
C LEU A 24 -4.97 -4.01 -6.66
N VAL A 25 -4.80 -2.79 -6.15
CA VAL A 25 -4.28 -1.69 -6.94
C VAL A 25 -3.39 -0.78 -6.12
N PHE A 26 -2.48 -0.08 -6.78
CA PHE A 26 -1.56 0.83 -6.10
C PHE A 26 -2.33 1.95 -5.40
N VAL A 27 -1.92 2.26 -4.17
CA VAL A 27 -2.56 3.31 -3.40
C VAL A 27 -1.62 4.49 -3.19
N GLY A 28 -0.48 4.24 -2.55
CA GLY A 28 0.48 5.30 -2.30
C GLY A 28 1.75 4.78 -1.67
N PRO A 29 2.85 5.52 -1.87
CA PRO A 29 4.17 5.15 -1.32
C PRO A 29 4.22 5.30 0.19
N ASP A 30 3.63 4.33 0.90
CA ASP A 30 3.62 4.35 2.35
C ASP A 30 4.58 3.30 2.92
N PRO A 31 5.81 3.72 3.22
CA PRO A 31 6.84 2.84 3.77
C PRO A 31 6.54 2.41 5.20
N PHE A 32 6.21 3.39 6.04
CA PHE A 32 5.89 3.11 7.45
C PHE A 32 4.69 2.17 7.56
N HIS A 33 3.72 2.36 6.67
CA HIS A 33 2.52 1.54 6.66
C HIS A 33 2.70 0.32 5.75
N CYS A 34 3.50 -0.64 6.20
CA CYS A 34 3.74 -1.84 5.43
C CYS A 34 3.85 -3.07 6.33
N GLY A 35 3.75 -4.25 5.74
CA GLY A 35 3.84 -5.48 6.51
C GLY A 35 5.27 -5.97 6.66
N PRO A 36 5.81 -6.58 5.60
CA PRO A 36 7.17 -7.11 5.59
C PRO A 36 8.22 -6.00 5.61
N TYR A 37 8.08 -5.05 4.70
CA TYR A 37 9.02 -3.93 4.61
C TYR A 37 8.38 -2.73 3.92
N PRO A 38 8.98 -1.54 4.10
CA PRO A 38 8.49 -0.31 3.49
C PRO A 38 8.68 -0.28 1.98
N GLN A 39 9.72 -0.98 1.51
CA GLN A 39 10.01 -1.04 0.08
C GLN A 39 8.78 -1.43 -0.71
N PHE A 40 7.95 -2.29 -0.12
CA PHE A 40 6.73 -2.75 -0.77
C PHE A 40 5.75 -1.60 -0.99
N GLY A 41 4.97 -1.68 -2.07
CA GLY A 41 4.01 -0.64 -2.37
C GLY A 41 2.61 -1.01 -1.95
N CYS A 42 1.88 -0.04 -1.39
CA CYS A 42 0.52 -0.27 -0.93
C CYS A 42 -0.34 -0.87 -2.05
N CYS A 43 -1.10 -1.89 -1.72
CA CYS A 43 -1.97 -2.55 -2.71
C CYS A 43 -3.36 -2.81 -2.12
N ALA A 44 -4.36 -2.18 -2.70
CA ALA A 44 -5.74 -2.35 -2.25
C ALA A 44 -6.68 -2.63 -3.41
N PRO A 2 -1.60 13.76 3.48
CA PRO A 2 -1.09 12.57 2.80
C PRO A 2 -2.08 11.40 2.86
N ARG A 3 -2.72 11.24 4.02
CA ARG A 3 -3.68 10.16 4.21
C ARG A 3 -4.82 10.27 3.20
N SER A 4 -5.25 11.49 2.93
CA SER A 4 -6.34 11.74 1.99
C SER A 4 -5.97 11.23 0.59
N HIS A 5 -4.72 11.43 0.21
CA HIS A 5 -4.24 10.99 -1.10
C HIS A 5 -3.96 9.49 -1.10
N VAL A 6 -3.62 8.96 0.06
CA VAL A 6 -3.34 7.54 0.20
C VAL A 6 -3.97 6.96 1.46
N ASP A 7 -5.05 6.22 1.28
CA ASP A 7 -5.76 5.61 2.40
C ASP A 7 -5.29 4.17 2.63
N CYS A 8 -3.99 3.96 2.46
CA CYS A 8 -3.40 2.63 2.65
C CYS A 8 -3.71 2.08 4.04
N PRO A 9 -3.30 2.84 5.07
CA PRO A 9 -3.52 2.45 6.47
C PRO A 9 -4.99 2.54 6.87
N ALA A 10 -5.67 3.58 6.39
CA ALA A 10 -7.08 3.77 6.70
C ALA A 10 -7.92 2.62 6.17
N LEU A 11 -7.54 2.11 5.00
CA LEU A 11 -8.26 1.01 4.37
C LEU A 11 -7.74 -0.34 4.87
N HIS A 12 -6.44 -0.39 5.19
CA HIS A 12 -5.82 -1.61 5.67
C HIS A 12 -5.85 -2.70 4.61
N GLY A 13 -4.87 -2.68 3.73
CA GLY A 13 -4.80 -3.67 2.67
C GLY A 13 -3.65 -4.65 2.86
N GLN A 14 -2.74 -4.69 1.89
CA GLN A 14 -1.60 -5.60 1.96
C GLN A 14 -0.40 -5.01 1.22
N CYS A 15 0.79 -5.19 1.78
CA CYS A 15 2.01 -4.69 1.18
C CYS A 15 2.74 -5.79 0.41
N GLN A 16 2.86 -5.60 -0.90
CA GLN A 16 3.53 -6.58 -1.75
C GLN A 16 4.46 -5.89 -2.75
N SER A 17 5.28 -6.68 -3.43
CA SER A 17 6.23 -6.15 -4.41
C SER A 17 5.52 -5.78 -5.70
N LEU A 18 5.47 -4.49 -6.02
CA LEU A 18 4.82 -4.02 -7.23
C LEU A 18 5.33 -4.78 -8.46
N PRO A 19 4.56 -4.73 -9.55
CA PRO A 19 3.29 -3.99 -9.59
C PRO A 19 2.22 -4.64 -8.74
N CYS A 20 1.13 -3.91 -8.50
CA CYS A 20 0.03 -4.43 -7.70
C CYS A 20 -0.89 -5.31 -8.53
N THR A 21 -1.17 -6.52 -8.03
CA THR A 21 -2.03 -7.46 -8.73
C THR A 21 -3.46 -7.34 -8.27
N TYR A 22 -4.38 -7.12 -9.21
CA TYR A 22 -5.79 -6.99 -8.89
C TYR A 22 -6.27 -8.15 -8.03
N PRO A 23 -7.40 -7.93 -7.32
CA PRO A 23 -8.12 -6.66 -7.37
C PRO A 23 -7.36 -5.53 -6.69
N LEU A 24 -6.35 -5.89 -5.91
CA LEU A 24 -5.55 -4.90 -5.21
C LEU A 24 -5.06 -3.81 -6.15
N VAL A 25 -5.50 -2.57 -5.90
CA VAL A 25 -5.11 -1.45 -6.73
C VAL A 25 -3.83 -0.80 -6.22
N PHE A 26 -3.09 -0.17 -7.13
CA PHE A 26 -1.83 0.49 -6.77
C PHE A 26 -2.08 1.93 -6.35
N VAL A 27 -1.56 2.31 -5.18
CA VAL A 27 -1.72 3.66 -4.68
C VAL A 27 -0.37 4.30 -4.39
N GLY A 28 0.58 3.48 -3.94
CA GLY A 28 1.91 3.99 -3.63
C GLY A 28 2.50 3.34 -2.39
N PRO A 29 3.82 3.46 -2.24
CA PRO A 29 4.55 2.89 -1.10
C PRO A 29 4.22 3.61 0.21
N ASP A 30 3.78 2.85 1.20
CA ASP A 30 3.44 3.41 2.50
C ASP A 30 4.49 3.05 3.54
N PRO A 31 5.46 3.96 3.75
CA PRO A 31 6.54 3.76 4.71
C PRO A 31 6.06 3.82 6.15
N PHE A 32 4.87 4.38 6.35
CA PHE A 32 4.29 4.50 7.68
C PHE A 32 4.33 3.16 8.41
N HIS A 33 3.52 2.21 7.95
CA HIS A 33 3.47 0.88 8.55
C HIS A 33 3.08 -0.16 7.52
N CYS A 34 4.09 -0.78 6.90
CA CYS A 34 3.86 -1.80 5.90
C CYS A 34 4.03 -3.19 6.48
N GLY A 35 3.95 -4.22 5.63
CA GLY A 35 4.11 -5.58 6.08
C GLY A 35 5.54 -6.03 6.11
N PRO A 36 6.06 -6.44 4.94
CA PRO A 36 7.44 -6.91 4.80
C PRO A 36 8.45 -5.78 4.96
N TYR A 37 8.22 -4.67 4.26
CA TYR A 37 9.11 -3.53 4.31
C TYR A 37 8.39 -2.25 3.85
N PRO A 38 8.94 -1.09 4.23
CA PRO A 38 8.38 0.21 3.86
C PRO A 38 8.52 0.50 2.38
N GLN A 39 9.58 -0.01 1.77
CA GLN A 39 9.83 0.20 0.35
C GLN A 39 8.72 -0.41 -0.50
N PHE A 40 8.20 -1.55 -0.04
CA PHE A 40 7.13 -2.24 -0.75
C PHE A 40 5.97 -1.30 -1.04
N GLY A 41 5.02 -1.76 -1.84
CA GLY A 41 3.86 -0.94 -2.17
C GLY A 41 2.60 -1.39 -1.45
N CYS A 42 1.81 -0.42 -1.00
CA CYS A 42 0.58 -0.73 -0.28
C CYS A 42 -0.59 -0.85 -1.25
N CYS A 43 -0.86 -2.07 -1.68
CA CYS A 43 -1.96 -2.34 -2.61
C CYS A 43 -3.29 -2.49 -1.86
N ALA A 44 -4.35 -1.94 -2.43
CA ALA A 44 -5.67 -2.02 -1.82
C ALA A 44 -6.68 -2.67 -2.77
N PRO A 2 -0.28 11.58 3.86
CA PRO A 2 -1.40 11.93 2.98
C PRO A 2 -2.48 10.86 2.96
N ARG A 3 -3.39 10.92 3.93
CA ARG A 3 -4.48 9.95 4.02
C ARG A 3 -5.53 10.21 2.95
N SER A 4 -5.77 11.49 2.65
CA SER A 4 -6.75 11.88 1.65
C SER A 4 -6.34 11.38 0.27
N HIS A 5 -5.05 11.52 -0.05
CA HIS A 5 -4.53 11.10 -1.34
C HIS A 5 -4.33 9.58 -1.37
N VAL A 6 -4.08 9.00 -0.20
CA VAL A 6 -3.87 7.56 -0.09
C VAL A 6 -4.57 7.00 1.15
N ASP A 7 -5.61 6.22 0.93
CA ASP A 7 -6.35 5.61 2.03
C ASP A 7 -5.78 4.25 2.39
N CYS A 8 -4.46 4.19 2.55
CA CYS A 8 -3.79 2.95 2.90
C CYS A 8 -4.31 2.40 4.23
N PRO A 9 -4.15 3.19 5.29
CA PRO A 9 -4.61 2.80 6.64
C PRO A 9 -6.12 2.77 6.75
N ALA A 10 -6.78 3.79 6.19
CA ALA A 10 -8.24 3.87 6.23
C ALA A 10 -8.87 2.64 5.58
N LEU A 11 -8.24 2.14 4.53
CA LEU A 11 -8.75 0.97 3.82
C LEU A 11 -8.21 -0.32 4.44
N HIS A 12 -7.01 -0.25 5.01
CA HIS A 12 -6.39 -1.40 5.64
C HIS A 12 -6.10 -2.49 4.61
N GLY A 13 -5.15 -2.22 3.72
CA GLY A 13 -4.79 -3.19 2.70
C GLY A 13 -3.58 -4.02 3.08
N GLN A 14 -2.72 -4.31 2.11
CA GLN A 14 -1.53 -5.10 2.35
C GLN A 14 -0.37 -4.62 1.47
N CYS A 15 0.83 -4.66 2.02
CA CYS A 15 2.03 -4.24 1.29
C CYS A 15 2.67 -5.41 0.56
N GLN A 16 2.77 -5.31 -0.76
CA GLN A 16 3.37 -6.38 -1.56
C GLN A 16 4.30 -5.79 -2.62
N SER A 17 5.10 -6.65 -3.23
CA SER A 17 6.05 -6.23 -4.26
C SER A 17 5.32 -5.83 -5.54
N LEU A 18 5.35 -4.54 -5.85
CA LEU A 18 4.70 -4.02 -7.05
C LEU A 18 5.19 -4.74 -8.29
N PRO A 19 4.41 -4.65 -9.38
CA PRO A 19 3.15 -3.91 -9.39
C PRO A 19 2.07 -4.59 -8.55
N CYS A 20 1.08 -3.81 -8.12
CA CYS A 20 -0.01 -4.34 -7.31
C CYS A 20 -0.86 -5.31 -8.11
N THR A 21 -0.87 -6.58 -7.69
CA THR A 21 -1.64 -7.61 -8.37
C THR A 21 -3.11 -7.55 -7.95
N TYR A 22 -4.00 -7.48 -8.94
CA TYR A 22 -5.43 -7.42 -8.67
C TYR A 22 -5.85 -8.53 -7.71
N PRO A 23 -7.02 -8.36 -7.09
CA PRO A 23 -7.87 -7.17 -7.31
C PRO A 23 -7.25 -5.91 -6.72
N LEU A 24 -6.34 -6.08 -5.78
CA LEU A 24 -5.67 -4.95 -5.13
C LEU A 24 -5.13 -3.97 -6.18
N VAL A 25 -5.05 -2.71 -5.80
CA VAL A 25 -4.56 -1.67 -6.70
C VAL A 25 -3.60 -0.73 -5.98
N PHE A 26 -2.67 -0.15 -6.73
CA PHE A 26 -1.69 0.77 -6.16
C PHE A 26 -2.36 2.09 -5.76
N VAL A 27 -2.04 2.55 -4.55
CA VAL A 27 -2.60 3.80 -4.05
C VAL A 27 -1.53 4.86 -3.89
N GLY A 28 -0.37 4.45 -3.39
CA GLY A 28 0.73 5.39 -3.20
C GLY A 28 1.89 4.77 -2.46
N PRO A 29 3.08 5.36 -2.62
CA PRO A 29 4.30 4.88 -1.95
C PRO A 29 4.28 5.12 -0.44
N ASP A 30 3.69 4.18 0.29
CA ASP A 30 3.61 4.28 1.74
C ASP A 30 4.57 3.33 2.41
N PRO A 31 5.77 3.83 2.76
CA PRO A 31 6.81 3.04 3.42
C PRO A 31 6.44 2.66 4.85
N PHE A 32 6.01 3.65 5.62
CA PHE A 32 5.63 3.43 7.02
C PHE A 32 4.48 2.42 7.10
N HIS A 33 3.54 2.52 6.17
CA HIS A 33 2.39 1.62 6.14
C HIS A 33 2.68 0.39 5.29
N CYS A 34 3.53 -0.49 5.81
CA CYS A 34 3.91 -1.70 5.09
C CYS A 34 3.96 -2.89 6.05
N GLY A 35 4.07 -4.09 5.49
CA GLY A 35 4.13 -5.29 6.30
C GLY A 35 5.55 -5.65 6.70
N PRO A 36 6.28 -6.31 5.80
CA PRO A 36 7.67 -6.72 6.05
C PRO A 36 8.62 -5.53 6.08
N TYR A 37 8.55 -4.69 5.07
CA TYR A 37 9.41 -3.51 4.99
C TYR A 37 8.76 -2.40 4.19
N PRO A 38 9.26 -1.16 4.34
CA PRO A 38 8.73 0.01 3.64
C PRO A 38 9.03 -0.03 2.14
N GLN A 39 10.13 -0.68 1.79
CA GLN A 39 10.52 -0.79 0.39
C GLN A 39 9.36 -1.27 -0.47
N PHE A 40 8.52 -2.13 0.11
CA PHE A 40 7.37 -2.66 -0.61
C PHE A 40 6.36 -1.57 -0.92
N GLY A 41 5.40 -1.88 -1.79
CA GLY A 41 4.38 -0.92 -2.15
C GLY A 41 3.05 -1.18 -1.48
N CYS A 42 2.43 -0.13 -0.96
CA CYS A 42 1.14 -0.26 -0.29
C CYS A 42 0.00 -0.41 -1.30
N CYS A 43 -0.60 -1.58 -1.33
CA CYS A 43 -1.70 -1.86 -2.25
C CYS A 43 -3.04 -1.85 -1.51
N ALA A 44 -4.13 -1.88 -2.28
CA ALA A 44 -5.46 -1.88 -1.70
C ALA A 44 -6.49 -2.41 -2.68
N PRO A 2 0.32 11.16 1.78
CA PRO A 2 -0.93 11.93 1.81
C PRO A 2 -2.13 11.06 2.14
N ARG A 3 -2.40 10.90 3.44
CA ARG A 3 -3.52 10.10 3.90
C ARG A 3 -4.81 10.53 3.23
N SER A 4 -4.95 11.83 2.99
CA SER A 4 -6.13 12.37 2.35
C SER A 4 -6.28 11.85 0.92
N HIS A 5 -5.14 11.60 0.27
CA HIS A 5 -5.13 11.10 -1.10
C HIS A 5 -5.23 9.57 -1.12
N VAL A 6 -4.74 8.94 -0.06
CA VAL A 6 -4.78 7.49 0.05
C VAL A 6 -5.08 7.04 1.47
N ASP A 7 -6.08 6.18 1.62
CA ASP A 7 -6.47 5.68 2.94
C ASP A 7 -5.89 4.29 3.17
N CYS A 8 -4.65 4.08 2.74
CA CYS A 8 -3.99 2.79 2.90
C CYS A 8 -3.93 2.40 4.37
N PRO A 9 -3.29 3.25 5.19
CA PRO A 9 -3.14 3.02 6.63
C PRO A 9 -4.46 3.14 7.37
N ALA A 10 -5.35 3.99 6.87
CA ALA A 10 -6.65 4.20 7.49
C ALA A 10 -7.55 2.99 7.29
N LEU A 11 -7.45 2.36 6.12
CA LEU A 11 -8.26 1.19 5.80
C LEU A 11 -7.56 -0.08 6.24
N HIS A 12 -6.23 -0.03 6.32
CA HIS A 12 -5.44 -1.18 6.73
C HIS A 12 -5.51 -2.29 5.69
N GLY A 13 -4.89 -2.05 4.54
CA GLY A 13 -4.90 -3.04 3.47
C GLY A 13 -3.73 -4.02 3.58
N GLN A 14 -2.89 -4.04 2.56
CA GLN A 14 -1.74 -4.93 2.54
C GLN A 14 -0.59 -4.33 1.75
N CYS A 15 0.63 -4.77 2.05
CA CYS A 15 1.82 -4.27 1.36
C CYS A 15 2.49 -5.36 0.55
N GLN A 16 2.79 -5.07 -0.71
CA GLN A 16 3.42 -6.04 -1.59
C GLN A 16 4.38 -5.35 -2.56
N SER A 17 5.21 -6.13 -3.22
CA SER A 17 6.18 -5.60 -4.18
C SER A 17 5.52 -5.33 -5.52
N LEU A 18 5.35 -4.05 -5.86
CA LEU A 18 4.73 -3.66 -7.12
C LEU A 18 5.40 -4.35 -8.29
N PRO A 19 4.70 -4.39 -9.43
CA PRO A 19 3.37 -3.82 -9.57
C PRO A 19 2.32 -4.61 -8.78
N CYS A 20 1.26 -3.91 -8.37
CA CYS A 20 0.19 -4.55 -7.60
C CYS A 20 -0.61 -5.51 -8.48
N THR A 21 -0.76 -6.74 -8.02
CA THR A 21 -1.49 -7.76 -8.76
C THR A 21 -2.99 -7.65 -8.50
N TYR A 22 -3.77 -7.58 -9.58
CA TYR A 22 -5.22 -7.47 -9.47
C TYR A 22 -5.78 -8.55 -8.55
N PRO A 23 -6.99 -8.31 -8.03
CA PRO A 23 -7.74 -7.07 -8.29
C PRO A 23 -7.10 -5.86 -7.65
N LEU A 24 -6.34 -6.08 -6.57
CA LEU A 24 -5.68 -5.00 -5.86
C LEU A 24 -4.91 -4.11 -6.83
N VAL A 25 -5.24 -2.82 -6.82
CA VAL A 25 -4.58 -1.86 -7.70
C VAL A 25 -3.58 -1.00 -6.92
N PHE A 26 -2.56 -0.53 -7.61
CA PHE A 26 -1.54 0.31 -6.98
C PHE A 26 -2.10 1.68 -6.64
N VAL A 27 -1.83 2.14 -5.42
CA VAL A 27 -2.30 3.44 -4.97
C VAL A 27 -1.14 4.36 -4.60
N GLY A 28 -0.27 3.88 -3.73
CA GLY A 28 0.89 4.66 -3.32
C GLY A 28 1.63 4.03 -2.16
N PRO A 29 2.91 4.41 -2.00
CA PRO A 29 3.76 3.88 -0.93
C PRO A 29 3.35 4.39 0.44
N ASP A 30 2.93 3.48 1.30
CA ASP A 30 2.51 3.83 2.65
C ASP A 30 3.55 3.42 3.68
N PRO A 31 4.45 4.35 4.02
CA PRO A 31 5.52 4.11 4.99
C PRO A 31 4.99 3.96 6.42
N PHE A 32 3.69 4.21 6.59
CA PHE A 32 3.06 4.10 7.90
C PHE A 32 3.41 2.77 8.56
N HIS A 33 2.88 1.69 8.03
CA HIS A 33 3.14 0.35 8.57
C HIS A 33 2.93 -0.72 7.52
N CYS A 34 4.00 -1.08 6.81
CA CYS A 34 3.92 -2.09 5.77
C CYS A 34 4.16 -3.49 6.35
N GLY A 35 4.15 -4.49 5.48
CA GLY A 35 4.37 -5.86 5.92
C GLY A 35 5.85 -6.23 5.95
N PRO A 36 6.40 -6.55 4.77
CA PRO A 36 7.81 -6.93 4.64
C PRO A 36 8.75 -5.76 4.87
N TYR A 37 8.46 -4.64 4.22
CA TYR A 37 9.29 -3.45 4.35
C TYR A 37 8.52 -2.19 3.91
N PRO A 38 9.00 -1.02 4.35
CA PRO A 38 8.37 0.27 4.01
C PRO A 38 8.54 0.62 2.53
N GLN A 39 9.66 0.19 1.96
CA GLN A 39 9.94 0.47 0.56
C GLN A 39 8.85 -0.09 -0.35
N PHE A 40 8.31 -1.25 0.04
CA PHE A 40 7.26 -1.90 -0.74
C PHE A 40 6.12 -0.92 -1.02
N GLY A 41 5.24 -1.31 -1.95
CA GLY A 41 4.11 -0.46 -2.30
C GLY A 41 2.81 -0.95 -1.70
N CYS A 42 1.82 -0.07 -1.64
CA CYS A 42 0.51 -0.42 -1.08
C CYS A 42 -0.42 -0.93 -2.18
N CYS A 43 -1.25 -1.91 -1.83
CA CYS A 43 -2.19 -2.48 -2.78
C CYS A 43 -3.60 -2.52 -2.19
N ALA A 44 -4.52 -1.82 -2.84
CA ALA A 44 -5.90 -1.77 -2.39
C ALA A 44 -6.87 -1.92 -3.56
N PRO A 2 -2.44 14.06 2.88
CA PRO A 2 -1.91 12.96 2.07
C PRO A 2 -2.81 11.72 2.11
N ARG A 3 -3.44 11.50 3.26
CA ARG A 3 -4.33 10.35 3.43
C ARG A 3 -5.42 10.35 2.37
N SER A 4 -5.90 11.54 2.03
CA SER A 4 -6.95 11.67 1.02
C SER A 4 -6.52 11.05 -0.30
N HIS A 5 -5.28 11.28 -0.69
CA HIS A 5 -4.74 10.75 -1.93
C HIS A 5 -4.33 9.29 -1.76
N VAL A 6 -3.96 8.92 -0.54
CA VAL A 6 -3.55 7.55 -0.25
C VAL A 6 -4.23 7.03 1.01
N ASP A 7 -5.20 6.14 0.82
CA ASP A 7 -5.94 5.56 1.94
C ASP A 7 -5.38 4.19 2.32
N CYS A 8 -4.06 4.05 2.19
CA CYS A 8 -3.39 2.80 2.51
C CYS A 8 -3.59 2.43 3.98
N PRO A 9 -3.17 3.33 4.87
CA PRO A 9 -3.29 3.13 6.32
C PRO A 9 -4.74 3.19 6.80
N ALA A 10 -5.49 4.16 6.27
CA ALA A 10 -6.89 4.31 6.64
C ALA A 10 -7.70 3.07 6.30
N LEU A 11 -7.34 2.41 5.21
CA LEU A 11 -8.03 1.21 4.77
C LEU A 11 -7.40 -0.04 5.40
N HIS A 12 -6.10 0.04 5.67
CA HIS A 12 -5.38 -1.08 6.27
C HIS A 12 -5.36 -2.28 5.33
N GLY A 13 -4.74 -2.12 4.18
CA GLY A 13 -4.65 -3.19 3.20
C GLY A 13 -3.45 -4.09 3.43
N GLN A 14 -2.57 -4.16 2.43
CA GLN A 14 -1.38 -4.98 2.52
C GLN A 14 -0.22 -4.36 1.76
N CYS A 15 0.92 -5.03 1.75
CA CYS A 15 2.09 -4.54 1.05
C CYS A 15 2.72 -5.64 0.18
N GLN A 16 2.80 -5.38 -1.12
CA GLN A 16 3.37 -6.35 -2.05
C GLN A 16 4.31 -5.66 -3.04
N SER A 17 5.11 -6.46 -3.73
CA SER A 17 6.05 -5.94 -4.71
C SER A 17 5.33 -5.38 -5.93
N LEU A 18 5.27 -4.05 -6.03
CA LEU A 18 4.61 -3.40 -7.14
C LEU A 18 5.10 -3.94 -8.47
N PRO A 19 4.31 -3.74 -9.54
CA PRO A 19 3.03 -3.04 -9.43
C PRO A 19 1.98 -3.84 -8.68
N CYS A 20 1.15 -3.15 -7.90
CA CYS A 20 0.10 -3.80 -7.13
C CYS A 20 -0.75 -4.69 -8.01
N THR A 21 -0.66 -6.00 -7.80
CA THR A 21 -1.43 -6.96 -8.58
C THR A 21 -2.88 -7.03 -8.09
N TYR A 22 -3.81 -6.94 -9.03
CA TYR A 22 -5.23 -7.00 -8.70
C TYR A 22 -5.55 -8.20 -7.82
N PRO A 23 -6.69 -8.13 -7.13
CA PRO A 23 -7.60 -6.99 -7.20
C PRO A 23 -7.03 -5.75 -6.54
N LEU A 24 -6.08 -5.95 -5.63
CA LEU A 24 -5.46 -4.84 -4.94
C LEU A 24 -4.98 -3.77 -5.91
N VAL A 25 -5.29 -2.51 -5.61
CA VAL A 25 -4.89 -1.40 -6.47
C VAL A 25 -3.83 -0.55 -5.80
N PHE A 26 -2.98 0.08 -6.61
CA PHE A 26 -1.91 0.94 -6.10
C PHE A 26 -2.48 2.15 -5.37
N VAL A 27 -2.00 2.40 -4.16
CA VAL A 27 -2.46 3.53 -3.37
C VAL A 27 -1.33 4.52 -3.13
N GLY A 28 -0.15 4.00 -2.82
CA GLY A 28 0.99 4.87 -2.58
C GLY A 28 2.10 4.16 -1.81
N PRO A 29 3.33 4.68 -1.92
CA PRO A 29 4.50 4.11 -1.24
C PRO A 29 4.44 4.29 0.28
N ASP A 30 3.86 3.31 0.96
CA ASP A 30 3.74 3.36 2.41
C ASP A 30 4.71 2.40 3.07
N PRO A 31 5.88 2.91 3.45
CA PRO A 31 6.93 2.10 4.10
C PRO A 31 6.54 1.69 5.52
N PHE A 32 6.08 2.65 6.31
CA PHE A 32 5.69 2.37 7.68
C PHE A 32 4.57 1.33 7.73
N HIS A 33 3.61 1.46 6.81
CA HIS A 33 2.49 0.52 6.74
C HIS A 33 2.75 -0.57 5.71
N CYS A 34 3.61 -1.51 6.08
CA CYS A 34 3.95 -2.61 5.18
C CYS A 34 3.98 -3.95 5.94
N GLY A 35 4.02 -5.05 5.20
CA GLY A 35 4.06 -6.36 5.82
C GLY A 35 5.47 -6.83 6.09
N PRO A 36 6.14 -7.35 5.07
CA PRO A 36 7.51 -7.86 5.18
C PRO A 36 8.52 -6.73 5.39
N TYR A 37 8.46 -5.72 4.54
CA TYR A 37 9.38 -4.59 4.62
C TYR A 37 8.73 -3.32 4.06
N PRO A 38 9.27 -2.16 4.45
CA PRO A 38 8.77 -0.86 3.98
C PRO A 38 9.05 -0.62 2.51
N GLN A 39 10.15 -1.18 2.02
CA GLN A 39 10.53 -1.03 0.63
C GLN A 39 9.37 -1.37 -0.30
N PHE A 40 8.55 -2.33 0.11
CA PHE A 40 7.41 -2.76 -0.68
C PHE A 40 6.43 -1.62 -0.88
N GLY A 41 5.37 -1.87 -1.62
CA GLY A 41 4.36 -0.85 -1.88
C GLY A 41 2.99 -1.24 -1.35
N CYS A 42 2.36 -0.33 -0.62
CA CYS A 42 1.04 -0.59 -0.06
C CYS A 42 -0.02 -0.65 -1.15
N CYS A 43 -1.00 -1.52 -0.98
CA CYS A 43 -2.07 -1.68 -1.95
C CYS A 43 -3.45 -1.60 -1.28
N ALA A 44 -4.50 -1.60 -2.08
CA ALA A 44 -5.86 -1.54 -1.56
C ALA A 44 -6.88 -1.72 -2.68
N PRO A 2 -0.15 12.46 2.28
CA PRO A 2 -1.57 12.78 2.13
C PRO A 2 -2.48 11.58 2.37
N ARG A 3 -3.28 11.65 3.42
CA ARG A 3 -4.20 10.56 3.75
C ARG A 3 -5.32 10.46 2.73
N SER A 4 -5.79 11.60 2.26
CA SER A 4 -6.88 11.64 1.28
C SER A 4 -6.44 11.02 -0.04
N HIS A 5 -5.17 11.26 -0.40
CA HIS A 5 -4.62 10.71 -1.65
C HIS A 5 -4.23 9.25 -1.47
N VAL A 6 -3.87 8.88 -0.25
CA VAL A 6 -3.47 7.51 0.05
C VAL A 6 -4.03 7.05 1.39
N ASP A 7 -4.96 6.11 1.34
CA ASP A 7 -5.57 5.57 2.55
C ASP A 7 -5.10 4.15 2.81
N CYS A 8 -3.83 3.88 2.52
CA CYS A 8 -3.25 2.56 2.74
C CYS A 8 -3.44 2.12 4.18
N PRO A 9 -2.91 2.92 5.12
CA PRO A 9 -2.99 2.63 6.55
C PRO A 9 -4.41 2.77 7.09
N ALA A 10 -5.09 3.84 6.68
CA ALA A 10 -6.46 4.08 7.12
C ALA A 10 -7.38 2.94 6.72
N LEU A 11 -7.11 2.35 5.56
CA LEU A 11 -7.91 1.24 5.06
C LEU A 11 -7.39 -0.09 5.58
N HIS A 12 -6.08 -0.16 5.82
CA HIS A 12 -5.46 -1.37 6.32
C HIS A 12 -5.57 -2.50 5.31
N GLY A 13 -5.04 -2.27 4.10
CA GLY A 13 -5.09 -3.29 3.07
C GLY A 13 -3.94 -4.26 3.14
N GLN A 14 -2.97 -4.12 2.24
CA GLN A 14 -1.81 -5.00 2.21
C GLN A 14 -0.59 -4.27 1.65
N CYS A 15 0.53 -4.98 1.59
CA CYS A 15 1.77 -4.40 1.07
C CYS A 15 2.57 -5.44 0.29
N GLN A 16 2.84 -5.13 -0.97
CA GLN A 16 3.60 -6.04 -1.83
C GLN A 16 4.47 -5.26 -2.80
N SER A 17 5.38 -5.97 -3.47
CA SER A 17 6.28 -5.34 -4.43
C SER A 17 5.53 -4.96 -5.71
N LEU A 18 5.30 -3.67 -5.89
CA LEU A 18 4.60 -3.17 -7.06
C LEU A 18 5.23 -3.71 -8.34
N PRO A 19 4.47 -3.66 -9.44
CA PRO A 19 3.10 -3.12 -9.44
C PRO A 19 2.13 -4.02 -8.68
N CYS A 20 1.05 -3.42 -8.18
CA CYS A 20 0.04 -4.17 -7.44
C CYS A 20 -0.69 -5.16 -8.35
N THR A 21 -0.71 -6.42 -7.95
CA THR A 21 -1.38 -7.46 -8.73
C THR A 21 -2.86 -7.54 -8.38
N TYR A 22 -3.71 -7.50 -9.42
CA TYR A 22 -5.15 -7.57 -9.22
C TYR A 22 -5.53 -8.74 -8.32
N PRO A 23 -6.74 -8.68 -7.76
CA PRO A 23 -7.66 -7.56 -7.98
C PRO A 23 -7.19 -6.27 -7.32
N LEU A 24 -6.35 -6.41 -6.30
CA LEU A 24 -5.81 -5.26 -5.58
C LEU A 24 -5.24 -4.24 -6.53
N VAL A 25 -5.66 -2.99 -6.39
CA VAL A 25 -5.18 -1.91 -7.25
C VAL A 25 -3.98 -1.20 -6.62
N PHE A 26 -3.44 -0.23 -7.33
CA PHE A 26 -2.29 0.54 -6.85
C PHE A 26 -2.74 1.65 -5.91
N VAL A 27 -2.09 1.72 -4.75
CA VAL A 27 -2.43 2.74 -3.75
C VAL A 27 -1.27 3.72 -3.59
N GLY A 28 -0.11 3.21 -3.20
CA GLY A 28 1.05 4.05 -3.02
C GLY A 28 1.98 3.54 -1.93
N PRO A 29 3.26 3.93 -2.01
CA PRO A 29 4.28 3.51 -1.03
C PRO A 29 4.05 4.14 0.33
N ASP A 30 3.45 3.39 1.24
CA ASP A 30 3.18 3.87 2.59
C ASP A 30 4.12 3.22 3.59
N PRO A 31 5.23 3.90 3.90
CA PRO A 31 6.24 3.40 4.85
C PRO A 31 5.73 3.41 6.28
N PHE A 32 4.55 4.00 6.50
CA PHE A 32 3.95 4.07 7.82
C PHE A 32 3.94 2.70 8.49
N HIS A 33 3.11 1.80 7.96
CA HIS A 33 3.00 0.45 8.51
C HIS A 33 2.73 -0.56 7.40
N CYS A 34 3.79 -1.14 6.86
CA CYS A 34 3.66 -2.12 5.79
C CYS A 34 3.90 -3.53 6.32
N GLY A 35 3.87 -4.51 5.42
CA GLY A 35 4.07 -5.89 5.82
C GLY A 35 5.55 -6.26 5.85
N PRO A 36 6.11 -6.54 4.67
CA PRO A 36 7.52 -6.92 4.53
C PRO A 36 8.46 -5.75 4.82
N TYR A 37 8.18 -4.60 4.20
CA TYR A 37 9.01 -3.42 4.39
C TYR A 37 8.24 -2.16 3.99
N PRO A 38 8.72 -1.00 4.48
CA PRO A 38 8.10 0.29 4.19
C PRO A 38 8.28 0.72 2.74
N GLN A 39 9.41 0.32 2.16
CA GLN A 39 9.70 0.66 0.77
C GLN A 39 8.65 0.09 -0.17
N PHE A 40 8.14 -1.08 0.16
CA PHE A 40 7.11 -1.73 -0.65
C PHE A 40 5.92 -0.80 -0.89
N GLY A 41 5.00 -1.23 -1.73
CA GLY A 41 3.83 -0.42 -2.02
C GLY A 41 2.55 -1.04 -1.51
N CYS A 42 1.62 -0.21 -1.08
CA CYS A 42 0.34 -0.69 -0.56
C CYS A 42 -0.63 -0.99 -1.70
N CYS A 43 -1.39 -2.08 -1.54
CA CYS A 43 -2.36 -2.48 -2.55
C CYS A 43 -3.76 -2.60 -1.96
N ALA A 44 -4.75 -2.14 -2.70
CA ALA A 44 -6.14 -2.20 -2.25
C ALA A 44 -7.09 -1.65 -3.31
N PRO A 2 0.42 12.14 3.77
CA PRO A 2 -0.24 11.84 5.04
C PRO A 2 -1.34 10.79 4.88
N ARG A 3 -2.09 10.56 5.95
CA ARG A 3 -3.17 9.58 5.93
C ARG A 3 -4.22 9.95 4.88
N SER A 4 -4.57 11.23 4.84
CA SER A 4 -5.57 11.72 3.89
C SER A 4 -5.16 11.38 2.46
N HIS A 5 -3.86 11.49 2.18
CA HIS A 5 -3.35 11.20 0.85
C HIS A 5 -3.17 9.69 0.65
N VAL A 6 -2.93 8.99 1.75
CA VAL A 6 -2.73 7.55 1.71
C VAL A 6 -3.42 6.86 2.87
N ASP A 7 -4.57 6.23 2.58
CA ASP A 7 -5.33 5.54 3.62
C ASP A 7 -4.90 4.08 3.72
N CYS A 8 -3.62 3.85 3.96
CA CYS A 8 -3.09 2.50 4.08
C CYS A 8 -3.84 1.70 5.15
N PRO A 9 -3.77 2.21 6.39
CA PRO A 9 -4.43 1.57 7.54
C PRO A 9 -5.95 1.67 7.46
N ALA A 10 -6.44 2.80 6.98
CA ALA A 10 -7.87 3.03 6.85
C ALA A 10 -8.50 2.04 5.87
N LEU A 11 -7.91 1.92 4.69
CA LEU A 11 -8.41 1.01 3.67
C LEU A 11 -8.25 -0.44 4.11
N HIS A 12 -7.16 -0.72 4.81
CA HIS A 12 -6.88 -2.07 5.30
C HIS A 12 -6.71 -3.04 4.13
N GLY A 13 -6.11 -2.56 3.05
CA GLY A 13 -5.91 -3.39 1.88
C GLY A 13 -4.81 -4.42 2.09
N GLN A 14 -3.79 -4.39 1.25
CA GLN A 14 -2.68 -5.34 1.35
C GLN A 14 -1.39 -4.71 0.84
N CYS A 15 -0.43 -4.53 1.74
CA CYS A 15 0.86 -3.94 1.38
C CYS A 15 1.80 -5.00 0.80
N GLN A 16 1.90 -5.04 -0.52
CA GLN A 16 2.76 -6.00 -1.19
C GLN A 16 3.59 -5.33 -2.28
N SER A 17 4.67 -5.98 -2.68
CA SER A 17 5.55 -5.44 -3.71
C SER A 17 4.76 -5.06 -4.96
N LEU A 18 5.35 -4.21 -5.79
CA LEU A 18 4.70 -3.76 -7.02
C LEU A 18 5.38 -4.38 -8.25
N PRO A 19 4.67 -4.37 -9.38
CA PRO A 19 3.31 -3.82 -9.46
C PRO A 19 2.29 -4.68 -8.70
N CYS A 20 1.34 -4.02 -8.05
CA CYS A 20 0.31 -4.71 -7.30
C CYS A 20 -0.37 -5.78 -8.14
N THR A 21 -0.01 -7.04 -7.92
CA THR A 21 -0.58 -8.14 -8.68
C THR A 21 -2.10 -8.21 -8.48
N TYR A 22 -2.82 -8.37 -9.58
CA TYR A 22 -4.28 -8.45 -9.53
C TYR A 22 -4.73 -9.50 -8.53
N PRO A 23 -6.01 -9.40 -8.10
CA PRO A 23 -6.91 -8.34 -8.57
C PRO A 23 -6.53 -6.96 -8.04
N LEU A 24 -5.95 -6.94 -6.85
CA LEU A 24 -5.53 -5.69 -6.23
C LEU A 24 -4.67 -4.87 -7.19
N VAL A 25 -4.58 -3.57 -6.92
CA VAL A 25 -3.78 -2.67 -7.77
C VAL A 25 -3.10 -1.60 -6.93
N PHE A 26 -2.40 -0.70 -7.60
CA PHE A 26 -1.70 0.39 -6.91
C PHE A 26 -2.70 1.37 -6.30
N VAL A 27 -2.36 1.89 -5.12
CA VAL A 27 -3.22 2.84 -4.42
C VAL A 27 -2.52 4.17 -4.22
N GLY A 28 -1.24 4.12 -3.86
CA GLY A 28 -0.48 5.34 -3.65
C GLY A 28 0.91 5.05 -3.12
N PRO A 29 1.74 6.12 -3.04
CA PRO A 29 3.11 6.00 -2.55
C PRO A 29 3.18 5.71 -1.05
N ASP A 30 3.89 4.64 -0.70
CA ASP A 30 4.04 4.26 0.71
C ASP A 30 5.43 4.59 1.22
N PRO A 31 5.57 5.76 1.86
CA PRO A 31 6.85 6.22 2.41
C PRO A 31 7.28 5.40 3.61
N PHE A 32 6.38 5.27 4.58
CA PHE A 32 6.68 4.51 5.80
C PHE A 32 5.39 3.97 6.42
N HIS A 33 4.44 3.58 5.57
CA HIS A 33 3.17 3.05 6.04
C HIS A 33 2.91 1.68 5.42
N CYS A 34 3.70 0.68 5.84
CA CYS A 34 3.55 -0.67 5.33
C CYS A 34 3.52 -1.68 6.48
N GLY A 35 3.32 -2.95 6.14
CA GLY A 35 3.29 -3.99 7.14
C GLY A 35 4.67 -4.47 7.53
N PRO A 36 5.25 -5.35 6.70
CA PRO A 36 6.58 -5.91 6.93
C PRO A 36 7.68 -4.87 6.77
N TYR A 37 7.64 -4.15 5.66
CA TYR A 37 8.63 -3.12 5.37
C TYR A 37 8.11 -2.12 4.35
N PRO A 38 8.76 -0.94 4.30
CA PRO A 38 8.36 0.12 3.37
C PRO A 38 8.69 -0.22 1.92
N GLN A 39 9.37 -1.35 1.73
CA GLN A 39 9.76 -1.78 0.40
C GLN A 39 8.53 -2.12 -0.44
N PHE A 40 7.50 -2.66 0.22
CA PHE A 40 6.26 -3.02 -0.47
C PHE A 40 5.32 -1.82 -0.56
N GLY A 41 4.42 -1.86 -1.53
CA GLY A 41 3.47 -0.77 -1.71
C GLY A 41 2.07 -1.14 -1.25
N CYS A 42 1.29 -0.13 -0.87
CA CYS A 42 -0.08 -0.36 -0.41
C CYS A 42 -1.00 -0.70 -1.59
N CYS A 43 -1.37 -1.97 -1.68
CA CYS A 43 -2.25 -2.43 -2.75
C CYS A 43 -3.69 -2.57 -2.26
N ALA A 44 -4.64 -2.48 -3.19
CA ALA A 44 -6.05 -2.60 -2.84
C ALA A 44 -6.90 -2.85 -4.08
N PRO A 2 -2.53 13.66 3.02
CA PRO A 2 -1.96 12.45 2.42
C PRO A 2 -2.91 11.27 2.50
N ARG A 3 -3.68 11.20 3.58
CA ARG A 3 -4.63 10.10 3.77
C ARG A 3 -5.69 10.10 2.66
N SER A 4 -6.08 11.30 2.22
CA SER A 4 -7.08 11.43 1.17
C SER A 4 -6.55 10.92 -0.16
N HIS A 5 -5.27 11.18 -0.42
CA HIS A 5 -4.64 10.74 -1.67
C HIS A 5 -4.31 9.25 -1.61
N VAL A 6 -4.08 8.75 -0.40
CA VAL A 6 -3.76 7.34 -0.21
C VAL A 6 -4.50 6.76 0.98
N ASP A 7 -5.41 5.83 0.70
CA ASP A 7 -6.20 5.19 1.75
C ASP A 7 -5.52 3.92 2.23
N CYS A 8 -4.23 4.00 2.48
CA CYS A 8 -3.45 2.85 2.95
C CYS A 8 -3.98 2.37 4.30
N PRO A 9 -3.94 3.26 5.30
CA PRO A 9 -4.41 2.95 6.65
C PRO A 9 -5.92 2.77 6.72
N ALA A 10 -6.64 3.54 5.89
CA ALA A 10 -8.09 3.47 5.86
C ALA A 10 -8.57 2.15 5.25
N LEU A 11 -7.92 1.73 4.17
CA LEU A 11 -8.27 0.49 3.50
C LEU A 11 -7.69 -0.72 4.24
N HIS A 12 -6.48 -0.56 4.76
CA HIS A 12 -5.82 -1.63 5.49
C HIS A 12 -5.64 -2.87 4.60
N GLY A 13 -4.95 -2.69 3.49
CA GLY A 13 -4.71 -3.79 2.58
C GLY A 13 -3.50 -4.61 2.96
N GLN A 14 -2.56 -4.77 2.02
CA GLN A 14 -1.36 -5.55 2.27
C GLN A 14 -0.19 -5.01 1.45
N CYS A 15 1.03 -5.25 1.93
CA CYS A 15 2.23 -4.78 1.24
C CYS A 15 2.82 -5.91 0.39
N GLN A 16 2.98 -5.64 -0.91
CA GLN A 16 3.54 -6.63 -1.83
C GLN A 16 4.44 -5.96 -2.85
N SER A 17 5.23 -6.76 -3.57
CA SER A 17 6.13 -6.25 -4.57
C SER A 17 5.37 -5.75 -5.80
N LEU A 18 5.34 -4.43 -5.97
CA LEU A 18 4.65 -3.83 -7.11
C LEU A 18 5.09 -4.46 -8.42
N PRO A 19 4.27 -4.29 -9.47
CA PRO A 19 3.02 -3.54 -9.38
C PRO A 19 1.96 -4.27 -8.55
N CYS A 20 0.86 -3.57 -8.25
CA CYS A 20 -0.22 -4.15 -7.46
C CYS A 20 -1.15 -4.98 -8.34
N THR A 21 -1.68 -6.06 -7.78
CA THR A 21 -2.59 -6.93 -8.52
C THR A 21 -4.01 -6.82 -7.99
N TYR A 22 -4.96 -6.61 -8.90
CA TYR A 22 -6.37 -6.49 -8.53
C TYR A 22 -6.79 -7.63 -7.61
N PRO A 23 -7.87 -7.40 -6.85
CA PRO A 23 -8.62 -6.14 -6.88
C PRO A 23 -7.83 -4.99 -6.28
N LEU A 24 -6.82 -5.31 -5.49
CA LEU A 24 -5.98 -4.31 -4.85
C LEU A 24 -5.51 -3.26 -5.86
N VAL A 25 -5.56 -1.99 -5.45
CA VAL A 25 -5.14 -0.90 -6.33
C VAL A 25 -3.84 -0.27 -5.82
N PHE A 26 -3.07 0.29 -6.75
CA PHE A 26 -1.81 0.92 -6.40
C PHE A 26 -2.03 2.36 -5.94
N VAL A 27 -1.55 2.66 -4.73
CA VAL A 27 -1.70 4.00 -4.17
C VAL A 27 -0.35 4.67 -3.98
N GLY A 28 0.64 3.89 -3.53
CA GLY A 28 1.96 4.42 -3.32
C GLY A 28 2.69 3.74 -2.17
N PRO A 29 4.03 3.87 -2.15
CA PRO A 29 4.86 3.27 -1.10
C PRO A 29 4.67 3.94 0.25
N ASP A 30 4.19 3.17 1.22
CA ASP A 30 3.97 3.69 2.57
C ASP A 30 5.04 3.20 3.54
N PRO A 31 6.09 4.01 3.73
CA PRO A 31 7.20 3.67 4.63
C PRO A 31 6.78 3.69 6.10
N PHE A 32 5.57 4.19 6.36
CA PHE A 32 5.06 4.26 7.72
C PHE A 32 5.20 2.91 8.43
N HIS A 33 4.41 1.95 7.99
CA HIS A 33 4.45 0.60 8.59
C HIS A 33 3.93 -0.43 7.60
N CYS A 34 4.84 -1.03 6.84
CA CYS A 34 4.48 -2.05 5.85
C CYS A 34 4.49 -3.44 6.49
N GLY A 35 4.28 -4.45 5.66
CA GLY A 35 4.26 -5.82 6.15
C GLY A 35 5.63 -6.45 6.17
N PRO A 36 6.09 -6.92 5.01
CA PRO A 36 7.40 -7.56 4.87
C PRO A 36 8.55 -6.56 5.02
N TYR A 37 8.45 -5.45 4.31
CA TYR A 37 9.48 -4.41 4.37
C TYR A 37 8.94 -3.08 3.88
N PRO A 38 9.63 -1.99 4.24
CA PRO A 38 9.25 -0.63 3.84
C PRO A 38 9.44 -0.38 2.35
N GLN A 39 10.42 -1.07 1.77
CA GLN A 39 10.71 -0.92 0.35
C GLN A 39 9.51 -1.34 -0.50
N PHE A 40 8.81 -2.37 -0.04
CA PHE A 40 7.63 -2.87 -0.75
C PHE A 40 6.62 -1.77 -1.00
N GLY A 41 5.54 -2.10 -1.68
CA GLY A 41 4.50 -1.12 -1.96
C GLY A 41 3.21 -1.41 -1.21
N CYS A 42 2.56 -0.34 -0.74
CA CYS A 42 1.31 -0.48 -0.01
C CYS A 42 0.12 -0.56 -0.95
N CYS A 43 -0.37 -1.77 -1.18
CA CYS A 43 -1.51 -1.98 -2.07
C CYS A 43 -2.83 -1.89 -1.31
N ALA A 44 -3.77 -1.13 -1.84
CA ALA A 44 -5.08 -0.97 -1.20
C ALA A 44 -6.20 -1.07 -2.22
#